data_8DYQ
#
_entry.id   8DYQ
#
_cell.length_a   71.969
_cell.length_b   122.592
_cell.length_c   78.354
_cell.angle_alpha   90.000
_cell.angle_beta   117.210
_cell.angle_gamma   90.000
#
_symmetry.space_group_name_H-M   'P 1 21 1'
#
loop_
_entity.id
_entity.type
_entity.pdbx_description
1 polymer 'Carbonic anhydrase'
2 non-polymer 5-ACETAMIDO-1,3,4-THIADIAZOLE-2-SULFONAMIDE
3 non-polymer 'ZINC ION'
4 non-polymer 'SULFATE ION'
5 water water
#
_entity_poly.entity_id   1
_entity_poly.type   'polypeptide(L)'
_entity_poly.pdbx_seq_one_letter_code
;HHHHHHDSGLVPRGSHMHGNHTHWGYTGHDSPESWGNLSEEFRLCSTGKNQSPVNITETVSGKLPAIKVNYKPSMVDVEN
NGHTIQVNYPEGGNTLTVNGRTYTLKQFHFHVPSENQIKGRTFPMEAHFVHLDENKQPLVLAVLYEAGKTNGRLSSIWNV
MPMTAGKVKLNQPFDASTLLPKRLKYYRFAGSLTTPPCTEGVSWLVLKTYDHIDQAQAEKFTRAVGSENNRPVQPLNARV
VIE
;
_entity_poly.pdbx_strand_id   A,C,E,G
#
loop_
_chem_comp.id
_chem_comp.type
_chem_comp.name
_chem_comp.formula
AZM non-polymer 5-ACETAMIDO-1,3,4-THIADIAZOLE-2-SULFONAMIDE 'C4 H6 N4 O3 S2'
SO4 non-polymer 'SULFATE ION' 'O4 S -2'
ZN non-polymer 'ZINC ION' 'Zn 2'
#
# COMPACT_ATOMS: atom_id res chain seq x y z
N THR A 22 -8.26 -28.25 14.82
CA THR A 22 -9.47 -27.44 15.17
C THR A 22 -10.30 -27.22 13.90
N HIS A 23 -11.60 -26.97 14.09
CA HIS A 23 -12.53 -26.97 12.98
C HIS A 23 -12.35 -25.67 12.21
N TRP A 24 -12.37 -25.76 10.88
CA TRP A 24 -12.43 -24.58 10.04
C TRP A 24 -13.24 -24.95 8.80
N GLY A 25 -13.71 -23.92 8.09
CA GLY A 25 -14.50 -24.10 6.88
C GLY A 25 -14.43 -22.87 5.99
N TYR A 26 -15.46 -22.68 5.15
CA TYR A 26 -15.51 -21.58 4.19
C TYR A 26 -16.73 -20.69 4.43
N THR A 27 -17.53 -21.04 5.43
CA THR A 27 -18.77 -20.34 5.78
C THR A 27 -19.01 -20.53 7.28
N GLY A 28 -20.14 -20.02 7.78
CA GLY A 28 -20.43 -20.07 9.20
C GLY A 28 -19.66 -18.98 9.94
N HIS A 29 -19.41 -19.16 11.24
CA HIS A 29 -18.61 -18.21 12.01
C HIS A 29 -17.15 -18.67 12.03
N ASP A 30 -16.78 -19.40 10.96
CA ASP A 30 -15.66 -20.33 10.89
C ASP A 30 -14.78 -20.01 9.67
N SER A 31 -15.10 -18.89 9.02
CA SER A 31 -14.85 -18.67 7.61
C SER A 31 -13.43 -18.15 7.43
N PRO A 32 -12.92 -18.04 6.18
CA PRO A 32 -11.50 -17.76 5.97
C PRO A 32 -11.02 -16.52 6.73
N GLU A 33 -11.89 -15.49 6.88
CA GLU A 33 -11.47 -14.22 7.44
C GLU A 33 -11.27 -14.29 8.95
N SER A 34 -11.59 -15.43 9.57
CA SER A 34 -11.43 -15.59 10.99
C SER A 34 -10.47 -16.71 11.36
N TRP A 35 -9.88 -17.39 10.34
CA TRP A 35 -8.99 -18.55 10.51
C TRP A 35 -7.83 -18.27 11.48
N GLY A 36 -7.32 -17.04 11.51
CA GLY A 36 -6.15 -16.67 12.30
C GLY A 36 -6.40 -16.71 13.81
N ASN A 37 -7.64 -16.42 14.23
CA ASN A 37 -8.07 -16.41 15.63
C ASN A 37 -8.53 -17.78 16.14
N LEU A 38 -8.71 -18.79 15.27
CA LEU A 38 -9.18 -20.10 15.70
C LEU A 38 -8.18 -20.74 16.66
N SER A 39 -6.88 -20.66 16.35
CA SER A 39 -5.83 -20.98 17.31
C SER A 39 -4.54 -20.21 16.99
N GLU A 40 -3.66 -20.13 18.00
CA GLU A 40 -2.36 -19.47 17.85
C GLU A 40 -1.59 -20.04 16.65
N GLU A 41 -1.81 -21.32 16.32
CA GLU A 41 -0.99 -22.04 15.36
C GLU A 41 -1.48 -21.83 13.92
N PHE A 42 -2.67 -21.25 13.71
CA PHE A 42 -3.16 -20.83 12.40
C PHE A 42 -2.93 -19.33 12.14
N ARG A 43 -2.18 -18.66 13.01
CA ARG A 43 -2.12 -17.20 13.04
C ARG A 43 -1.58 -16.63 11.72
N LEU A 44 -0.74 -17.39 10.99
CA LEU A 44 -0.11 -16.89 9.77
C LEU A 44 -1.19 -16.62 8.71
N CYS A 45 -2.32 -17.31 8.84
CA CYS A 45 -3.47 -17.08 7.98
C CYS A 45 -3.88 -15.62 7.97
N SER A 46 -3.69 -14.91 9.09
CA SER A 46 -4.18 -13.54 9.18
C SER A 46 -3.03 -12.52 9.17
N THR A 47 -1.83 -12.95 9.61
CA THR A 47 -0.66 -12.11 9.79
C THR A 47 0.37 -12.25 8.66
N GLY A 48 0.30 -13.29 7.83
CA GLY A 48 1.32 -13.47 6.79
C GLY A 48 1.25 -12.37 5.73
N LYS A 49 2.40 -12.11 5.08
CA LYS A 49 2.45 -11.14 3.98
C LYS A 49 2.64 -11.81 2.61
N ASN A 50 2.74 -13.16 2.59
CA ASN A 50 3.04 -13.94 1.40
C ASN A 50 2.03 -15.09 1.26
N GLN A 51 0.74 -14.71 1.23
CA GLN A 51 -0.34 -15.68 1.34
C GLN A 51 -0.91 -15.97 -0.06
N SER A 52 -1.44 -17.19 -0.19
CA SER A 52 -2.15 -17.65 -1.37
C SER A 52 -3.60 -17.89 -0.96
N PRO A 53 -4.60 -17.79 -1.87
CA PRO A 53 -4.40 -17.54 -3.29
C PRO A 53 -4.21 -16.05 -3.64
N VAL A 54 -4.18 -15.71 -4.94
CA VAL A 54 -3.84 -14.36 -5.43
C VAL A 54 -4.62 -14.10 -6.73
N ASN A 55 -5.02 -12.83 -6.98
CA ASN A 55 -5.42 -12.33 -8.29
C ASN A 55 -4.15 -11.92 -9.06
N ILE A 56 -3.88 -12.61 -10.19
CA ILE A 56 -2.71 -12.29 -11.00
C ILE A 56 -3.09 -11.18 -11.99
N THR A 57 -2.70 -9.94 -11.66
CA THR A 57 -2.97 -8.79 -12.52
C THR A 57 -1.65 -8.41 -13.20
N GLU A 58 -0.83 -7.59 -12.53
CA GLU A 58 0.44 -7.18 -13.09
C GLU A 58 1.47 -8.29 -12.92
N THR A 59 2.29 -8.42 -13.97
CA THR A 59 3.31 -9.44 -14.04
C THR A 59 4.57 -8.87 -14.68
N VAL A 60 5.65 -9.64 -14.53
CA VAL A 60 6.92 -9.35 -15.16
C VAL A 60 7.16 -10.48 -16.15
N SER A 61 7.35 -10.13 -17.43
CA SER A 61 7.75 -11.13 -18.42
C SER A 61 9.19 -11.52 -18.13
N GLY A 62 9.43 -12.82 -17.94
CA GLY A 62 10.76 -13.31 -17.63
C GLY A 62 10.99 -14.67 -18.25
N LYS A 63 12.20 -15.18 -18.13
CA LYS A 63 12.59 -16.43 -18.75
C LYS A 63 12.53 -17.55 -17.69
N LEU A 64 11.33 -18.09 -17.48
CA LEU A 64 11.12 -19.11 -16.45
C LEU A 64 11.66 -20.47 -16.92
N PRO A 65 12.31 -21.27 -16.05
CA PRO A 65 12.76 -22.60 -16.43
C PRO A 65 11.58 -23.45 -16.85
N ALA A 66 11.78 -24.28 -17.87
CA ALA A 66 10.71 -25.11 -18.41
C ALA A 66 10.36 -26.20 -17.39
N ILE A 67 9.08 -26.61 -17.32
CA ILE A 67 8.65 -27.75 -16.50
C ILE A 67 8.83 -29.03 -17.34
N LYS A 68 9.30 -30.10 -16.68
CA LYS A 68 9.29 -31.46 -17.23
C LYS A 68 8.42 -32.35 -16.34
N VAL A 69 7.31 -32.84 -16.89
CA VAL A 69 6.39 -33.71 -16.15
C VAL A 69 6.85 -35.17 -16.31
N ASN A 70 7.14 -35.83 -15.18
CA ASN A 70 7.39 -37.27 -15.12
C ASN A 70 6.28 -37.90 -14.28
N TYR A 71 5.04 -37.63 -14.68
CA TYR A 71 3.87 -38.30 -14.13
C TYR A 71 3.68 -39.61 -14.90
N LYS A 72 3.08 -40.61 -14.23
CA LYS A 72 2.80 -41.92 -14.78
C LYS A 72 1.64 -42.51 -13.97
N PRO A 73 1.05 -43.66 -14.36
CA PRO A 73 -0.01 -44.30 -13.55
C PRO A 73 0.43 -44.83 -12.18
N SER A 74 -0.48 -44.82 -11.19
CA SER A 74 -0.20 -45.27 -9.83
C SER A 74 -1.49 -45.75 -9.15
N MET A 75 -1.33 -46.45 -8.02
CA MET A 75 -2.47 -46.91 -7.26
C MET A 75 -2.74 -45.84 -6.20
N VAL A 76 -3.87 -45.15 -6.40
CA VAL A 76 -4.25 -43.98 -5.65
C VAL A 76 -5.49 -44.31 -4.84
N ASP A 77 -5.76 -43.49 -3.83
CA ASP A 77 -7.06 -43.45 -3.20
C ASP A 77 -7.65 -42.05 -3.34
N VAL A 78 -8.96 -41.96 -3.15
CA VAL A 78 -9.69 -40.72 -3.33
C VAL A 78 -10.36 -40.43 -1.99
N GLU A 79 -9.95 -39.32 -1.38
CA GLU A 79 -10.30 -39.00 -0.01
C GLU A 79 -11.17 -37.74 0.00
N ASN A 80 -12.25 -37.79 0.78
CA ASN A 80 -12.99 -36.60 1.17
C ASN A 80 -12.56 -36.28 2.60
N ASN A 81 -11.77 -35.21 2.80
CA ASN A 81 -11.34 -34.82 4.14
C ASN A 81 -12.28 -33.78 4.76
N GLY A 82 -13.46 -33.53 4.16
CA GLY A 82 -14.39 -32.52 4.66
C GLY A 82 -14.27 -31.17 3.93
N HIS A 83 -13.09 -30.88 3.35
CA HIS A 83 -12.79 -29.56 2.79
C HIS A 83 -12.55 -29.65 1.28
N THR A 84 -12.03 -30.80 0.79
CA THR A 84 -11.88 -31.02 -0.64
C THR A 84 -11.98 -32.51 -0.99
N ILE A 85 -12.01 -32.77 -2.30
CA ILE A 85 -11.75 -34.08 -2.87
C ILE A 85 -10.30 -34.15 -3.36
N GLN A 86 -9.57 -35.13 -2.83
CA GLN A 86 -8.13 -35.29 -2.95
C GLN A 86 -7.75 -36.74 -3.32
N VAL A 87 -6.66 -36.87 -4.12
CA VAL A 87 -6.15 -38.12 -4.63
C VAL A 87 -4.74 -38.33 -4.05
N ASN A 88 -4.61 -39.32 -3.15
CA ASN A 88 -3.39 -39.51 -2.39
C ASN A 88 -2.54 -40.53 -3.12
N TYR A 89 -1.25 -40.18 -3.25
CA TYR A 89 -0.25 -40.98 -3.92
C TYR A 89 0.61 -41.67 -2.84
N PRO A 90 0.30 -42.91 -2.36
CA PRO A 90 1.13 -43.53 -1.32
C PRO A 90 2.62 -43.71 -1.62
N GLU A 91 3.02 -43.72 -2.91
CA GLU A 91 4.41 -43.80 -3.30
C GLU A 91 4.87 -42.56 -4.10
N GLY A 92 6.17 -42.26 -4.08
CA GLY A 92 6.74 -41.23 -4.92
C GLY A 92 6.21 -41.30 -6.35
N GLY A 93 6.97 -41.99 -7.21
CA GLY A 93 6.51 -42.40 -8.54
C GLY A 93 6.41 -41.24 -9.53
N ASN A 94 5.53 -40.27 -9.19
CA ASN A 94 5.19 -39.16 -10.07
C ASN A 94 5.97 -37.93 -9.66
N THR A 95 6.78 -37.39 -10.59
CA THR A 95 7.61 -36.27 -10.22
C THR A 95 7.47 -35.12 -11.23
N LEU A 96 8.02 -33.99 -10.80
CA LEU A 96 8.16 -32.80 -11.61
C LEU A 96 9.60 -32.32 -11.47
N THR A 97 10.29 -32.08 -12.57
CA THR A 97 11.59 -31.44 -12.52
C THR A 97 11.44 -30.01 -13.02
N VAL A 98 11.75 -29.04 -12.12
CA VAL A 98 11.86 -27.64 -12.47
C VAL A 98 13.23 -27.17 -12.00
N ASN A 99 14.04 -26.67 -12.95
CA ASN A 99 15.25 -25.91 -12.68
C ASN A 99 16.33 -26.81 -12.10
N GLY A 100 16.40 -28.04 -12.59
CA GLY A 100 17.28 -29.06 -12.05
C GLY A 100 16.87 -29.55 -10.65
N ARG A 101 15.64 -29.24 -10.20
CA ARG A 101 15.13 -29.82 -8.94
C ARG A 101 13.99 -30.80 -9.24
N THR A 102 14.01 -31.94 -8.55
CA THR A 102 12.95 -32.93 -8.71
C THR A 102 12.02 -32.77 -7.51
N TYR A 103 10.70 -32.69 -7.79
CA TYR A 103 9.63 -32.62 -6.80
C TYR A 103 8.65 -33.81 -6.92
N THR A 104 8.36 -34.45 -5.77
CA THR A 104 7.56 -35.68 -5.72
C THR A 104 6.08 -35.35 -5.47
N LEU A 105 5.21 -35.78 -6.38
CA LEU A 105 3.79 -35.51 -6.22
C LEU A 105 3.28 -36.35 -5.04
N LYS A 106 2.68 -35.68 -4.05
CA LYS A 106 2.15 -36.27 -2.84
C LYS A 106 0.65 -36.55 -3.00
N GLN A 107 -0.04 -35.58 -3.58
CA GLN A 107 -1.49 -35.65 -3.68
C GLN A 107 -1.88 -34.53 -4.63
N PHE A 108 -3.10 -34.63 -5.20
CA PHE A 108 -3.73 -33.51 -5.86
C PHE A 108 -5.18 -33.40 -5.42
N HIS A 109 -5.72 -32.19 -5.54
CA HIS A 109 -7.03 -31.90 -4.99
C HIS A 109 -7.56 -30.63 -5.62
N PHE A 110 -8.78 -30.28 -5.21
CA PHE A 110 -9.67 -29.51 -6.07
C PHE A 110 -10.26 -28.38 -5.26
N HIS A 111 -10.56 -27.28 -5.96
CA HIS A 111 -11.28 -26.14 -5.42
C HIS A 111 -12.35 -25.74 -6.43
N VAL A 112 -13.58 -25.60 -5.91
CA VAL A 112 -14.72 -25.13 -6.65
C VAL A 112 -15.34 -23.99 -5.85
N PRO A 113 -15.34 -22.74 -6.39
CA PRO A 113 -14.66 -22.44 -7.65
C PRO A 113 -13.17 -22.14 -7.38
N SER A 114 -12.48 -21.51 -8.35
CA SER A 114 -11.03 -21.38 -8.29
C SER A 114 -10.61 -20.45 -7.15
N GLU A 115 -9.44 -20.71 -6.55
CA GLU A 115 -8.89 -19.82 -5.54
C GLU A 115 -8.11 -18.69 -6.24
N ASN A 116 -7.13 -19.05 -7.09
CA ASN A 116 -6.38 -18.07 -7.85
C ASN A 116 -7.27 -17.53 -8.98
N GLN A 117 -7.06 -16.26 -9.33
CA GLN A 117 -7.80 -15.55 -10.36
C GLN A 117 -6.85 -14.96 -11.42
N ILE A 118 -7.32 -14.89 -12.67
CA ILE A 118 -6.57 -14.28 -13.76
C ILE A 118 -7.32 -13.03 -14.24
N LYS A 119 -6.78 -11.87 -13.84
CA LYS A 119 -7.30 -10.54 -14.16
C LYS A 119 -8.70 -10.35 -13.58
N GLY A 120 -8.94 -10.80 -12.33
CA GLY A 120 -10.27 -10.72 -11.71
C GLY A 120 -11.18 -11.89 -12.04
N ARG A 121 -10.87 -12.63 -13.10
CA ARG A 121 -11.62 -13.80 -13.52
C ARG A 121 -11.44 -14.97 -12.55
N THR A 122 -12.54 -15.35 -11.89
CA THR A 122 -12.67 -16.65 -11.21
C THR A 122 -13.05 -17.71 -12.25
N PHE A 123 -12.39 -18.88 -12.13
CA PHE A 123 -12.68 -20.07 -12.92
C PHE A 123 -13.54 -21.03 -12.10
N PRO A 124 -14.33 -21.89 -12.76
CA PRO A 124 -15.28 -22.76 -12.05
C PRO A 124 -14.63 -23.90 -11.25
N MET A 125 -13.40 -24.30 -11.62
CA MET A 125 -12.60 -25.16 -10.76
C MET A 125 -11.09 -24.90 -10.94
N GLU A 126 -10.35 -25.20 -9.87
CA GLU A 126 -8.90 -25.27 -9.87
C GLU A 126 -8.44 -26.58 -9.22
N ALA A 127 -7.45 -27.23 -9.85
CA ALA A 127 -6.72 -28.38 -9.30
C ALA A 127 -5.34 -27.98 -8.77
N HIS A 128 -4.99 -28.45 -7.55
CA HIS A 128 -3.71 -28.23 -6.90
C HIS A 128 -2.92 -29.53 -6.76
N PHE A 129 -1.82 -29.61 -7.54
CA PHE A 129 -0.88 -30.72 -7.47
C PHE A 129 0.28 -30.33 -6.57
N VAL A 130 0.37 -31.01 -5.42
CA VAL A 130 1.20 -30.61 -4.29
C VAL A 130 2.39 -31.57 -4.24
N HIS A 131 3.60 -31.01 -4.08
CA HIS A 131 4.86 -31.73 -4.12
C HIS A 131 5.77 -31.30 -2.99
N LEU A 132 6.78 -32.16 -2.74
CA LEU A 132 7.97 -31.86 -1.96
C LEU A 132 9.19 -32.31 -2.75
N ASP A 133 10.32 -31.59 -2.63
CA ASP A 133 11.62 -32.02 -3.14
C ASP A 133 12.35 -32.73 -1.99
N GLU A 134 13.60 -33.09 -2.19
CA GLU A 134 14.33 -33.86 -1.20
C GLU A 134 14.64 -32.97 0.03
N ASN A 135 14.58 -31.63 -0.13
CA ASN A 135 14.77 -30.69 0.97
C ASN A 135 13.46 -30.47 1.72
N LYS A 136 12.39 -31.18 1.30
CA LYS A 136 11.04 -31.00 1.80
C LYS A 136 10.51 -29.58 1.53
N GLN A 137 10.89 -28.97 0.41
CA GLN A 137 10.41 -27.66 0.00
C GLN A 137 9.14 -27.82 -0.85
N PRO A 138 8.00 -27.19 -0.48
CA PRO A 138 6.74 -27.46 -1.15
C PRO A 138 6.58 -26.70 -2.46
N LEU A 139 6.07 -27.39 -3.49
CA LEU A 139 5.75 -26.76 -4.76
C LEU A 139 4.33 -27.17 -5.16
N VAL A 140 3.51 -26.17 -5.52
CA VAL A 140 2.15 -26.42 -6.00
C VAL A 140 2.05 -26.04 -7.48
N LEU A 141 1.75 -27.02 -8.32
CA LEU A 141 1.43 -26.80 -9.73
C LEU A 141 -0.10 -26.84 -9.89
N ALA A 142 -0.62 -25.78 -10.53
CA ALA A 142 -2.03 -25.50 -10.55
C ALA A 142 -2.58 -25.62 -11.97
N VAL A 143 -3.79 -26.18 -12.10
CA VAL A 143 -4.50 -26.22 -13.37
C VAL A 143 -5.87 -25.56 -13.15
N LEU A 144 -6.19 -24.61 -14.04
CA LEU A 144 -7.47 -23.92 -14.03
C LEU A 144 -8.36 -24.48 -15.15
N TYR A 145 -9.63 -24.75 -14.79
CA TYR A 145 -10.64 -25.33 -15.67
C TYR A 145 -11.62 -24.24 -16.10
N GLU A 146 -11.77 -24.09 -17.42
CA GLU A 146 -12.88 -23.36 -18.02
C GLU A 146 -14.10 -24.27 -18.09
N ALA A 147 -15.31 -23.67 -17.99
CA ALA A 147 -16.56 -24.31 -18.36
C ALA A 147 -16.51 -24.79 -19.81
N GLY A 148 -17.11 -25.96 -20.06
CA GLY A 148 -16.95 -26.66 -21.32
C GLY A 148 -17.55 -28.07 -21.26
N LYS A 149 -16.99 -28.99 -22.04
CA LYS A 149 -17.55 -30.32 -22.14
C LYS A 149 -17.09 -31.13 -20.93
N THR A 150 -17.78 -32.24 -20.69
CA THR A 150 -17.41 -33.16 -19.63
C THR A 150 -15.88 -33.37 -19.73
N ASN A 151 -15.23 -33.42 -18.56
CA ASN A 151 -13.83 -33.83 -18.48
C ASN A 151 -13.83 -35.35 -18.37
N GLY A 152 -13.49 -36.00 -19.50
CA GLY A 152 -13.43 -37.45 -19.57
C GLY A 152 -12.31 -38.04 -18.69
N ARG A 153 -11.21 -37.29 -18.50
CA ARG A 153 -10.03 -37.79 -17.81
C ARG A 153 -10.19 -37.65 -16.29
N LEU A 154 -11.23 -36.95 -15.82
CA LEU A 154 -11.50 -36.90 -14.40
C LEU A 154 -12.62 -37.88 -14.02
N SER A 155 -13.36 -38.43 -15.00
CA SER A 155 -14.61 -39.11 -14.72
C SER A 155 -14.38 -40.27 -13.75
N SER A 156 -13.19 -40.88 -13.91
CA SER A 156 -12.67 -41.98 -13.12
C SER A 156 -12.59 -41.67 -11.62
N ILE A 157 -12.20 -40.42 -11.29
CA ILE A 157 -12.15 -39.92 -9.91
C ILE A 157 -13.54 -39.45 -9.44
N TRP A 158 -14.28 -38.75 -10.31
CA TRP A 158 -15.63 -38.27 -9.99
C TRP A 158 -16.60 -39.41 -9.70
N ASN A 159 -16.35 -40.60 -10.30
CA ASN A 159 -17.28 -41.71 -10.21
CA ASN A 159 -17.28 -41.71 -10.21
C ASN A 159 -17.20 -42.37 -8.83
N VAL A 160 -16.06 -42.23 -8.12
CA VAL A 160 -15.88 -42.91 -6.83
C VAL A 160 -15.83 -41.89 -5.69
N MET A 161 -15.84 -40.61 -6.06
CA MET A 161 -15.97 -39.51 -5.13
C MET A 161 -16.80 -39.95 -3.92
N PRO A 162 -16.16 -40.07 -2.73
CA PRO A 162 -16.89 -40.16 -1.45
C PRO A 162 -17.66 -38.86 -1.19
N MET A 163 -18.96 -38.98 -0.89
CA MET A 163 -19.85 -37.84 -0.86
C MET A 163 -20.01 -37.40 0.59
N THR A 164 -19.51 -38.24 1.49
CA THR A 164 -19.12 -37.79 2.82
C THR A 164 -17.65 -38.09 3.08
N ALA A 165 -17.14 -37.47 4.15
CA ALA A 165 -15.81 -37.75 4.67
C ALA A 165 -15.55 -39.26 4.73
N GLY A 166 -14.38 -39.69 4.23
CA GLY A 166 -14.07 -41.08 4.00
C GLY A 166 -13.15 -41.20 2.79
N LYS A 167 -12.78 -42.45 2.46
CA LYS A 167 -11.57 -42.80 1.72
C LYS A 167 -11.78 -44.16 1.03
N VAL A 168 -11.56 -44.19 -0.30
CA VAL A 168 -11.62 -45.40 -1.11
C VAL A 168 -10.37 -45.50 -2.00
N LYS A 169 -9.75 -46.69 -1.98
CA LYS A 169 -8.65 -47.00 -2.86
C LYS A 169 -9.24 -47.38 -4.21
N LEU A 170 -8.79 -46.77 -5.31
CA LEU A 170 -9.33 -47.08 -6.62
C LEU A 170 -8.59 -48.27 -7.25
N ASN A 171 -9.39 -49.31 -7.55
CA ASN A 171 -9.09 -50.51 -8.33
C ASN A 171 -8.18 -50.28 -9.53
N GLN A 172 -8.64 -49.51 -10.52
CA GLN A 172 -7.89 -49.33 -11.76
C GLN A 172 -6.84 -48.26 -11.54
N PRO A 173 -5.58 -48.45 -12.03
CA PRO A 173 -4.55 -47.44 -11.89
C PRO A 173 -5.02 -46.07 -12.37
N PHE A 174 -4.48 -45.00 -11.78
CA PHE A 174 -4.78 -43.65 -12.24
C PHE A 174 -3.53 -43.01 -12.80
N ASP A 175 -3.68 -42.42 -13.99
CA ASP A 175 -2.62 -41.70 -14.64
C ASP A 175 -2.89 -40.19 -14.65
N ALA A 176 -2.02 -39.45 -13.95
CA ALA A 176 -2.17 -38.01 -13.79
C ALA A 176 -1.61 -37.24 -14.98
N SER A 177 -0.88 -37.91 -15.90
CA SER A 177 -0.31 -37.23 -17.06
C SER A 177 -1.42 -36.66 -17.95
N THR A 178 -2.60 -37.27 -17.87
CA THR A 178 -3.76 -36.87 -18.64
C THR A 178 -4.39 -35.57 -18.14
N LEU A 179 -4.07 -35.15 -16.88
CA LEU A 179 -4.61 -33.97 -16.23
C LEU A 179 -3.77 -32.70 -16.50
N LEU A 180 -2.58 -32.88 -17.08
CA LEU A 180 -1.70 -31.77 -17.40
C LEU A 180 -1.62 -31.59 -18.91
N PRO A 181 -1.71 -30.34 -19.42
CA PRO A 181 -1.60 -30.10 -20.87
C PRO A 181 -0.15 -30.30 -21.35
N LYS A 182 0.04 -30.23 -22.69
CA LYS A 182 1.35 -30.32 -23.29
C LYS A 182 2.05 -28.96 -23.24
N ARG A 183 1.25 -27.87 -23.34
CA ARG A 183 1.75 -26.50 -23.23
C ARG A 183 1.88 -26.15 -21.74
N LEU A 184 3.13 -25.99 -21.26
CA LEU A 184 3.44 -25.95 -19.84
C LEU A 184 3.93 -24.58 -19.40
N LYS A 185 3.54 -23.53 -20.13
CA LYS A 185 3.79 -22.17 -19.66
C LYS A 185 3.02 -21.90 -18.36
N TYR A 186 3.63 -21.13 -17.46
CA TYR A 186 3.11 -20.92 -16.12
C TYR A 186 3.44 -19.52 -15.58
N TYR A 187 2.56 -19.02 -14.69
CA TYR A 187 2.88 -17.94 -13.76
C TYR A 187 3.54 -18.50 -12.52
N ARG A 188 4.56 -17.76 -12.02
CA ARG A 188 5.37 -18.17 -10.88
C ARG A 188 5.36 -17.07 -9.82
N PHE A 189 5.14 -17.48 -8.58
CA PHE A 189 5.16 -16.59 -7.45
C PHE A 189 5.40 -17.43 -6.20
N ALA A 190 5.81 -16.77 -5.11
CA ALA A 190 5.99 -17.49 -3.87
C ALA A 190 4.77 -17.22 -2.99
N GLY A 191 4.33 -18.23 -2.25
CA GLY A 191 3.10 -18.07 -1.50
C GLY A 191 3.00 -19.04 -0.34
N SER A 192 1.78 -19.56 -0.15
CA SER A 192 1.40 -20.27 1.06
C SER A 192 0.36 -21.36 0.76
N LEU A 193 0.10 -22.24 1.75
CA LEU A 193 -1.09 -23.09 1.74
C LEU A 193 -2.31 -22.16 1.84
N THR A 194 -3.36 -22.45 1.07
CA THR A 194 -4.62 -21.71 1.14
C THR A 194 -5.58 -22.37 2.13
N THR A 195 -5.08 -23.26 2.99
CA THR A 195 -5.88 -23.81 4.06
C THR A 195 -5.02 -23.70 5.32
N PRO A 196 -5.63 -23.54 6.52
CA PRO A 196 -4.89 -23.55 7.78
C PRO A 196 -3.96 -24.77 7.95
N PRO A 197 -2.71 -24.64 8.44
CA PRO A 197 -2.17 -23.41 9.04
C PRO A 197 -1.58 -22.34 8.10
N CYS A 198 -1.87 -22.42 6.79
CA CYS A 198 -1.48 -21.38 5.83
C CYS A 198 0.03 -21.18 5.81
N THR A 199 0.81 -22.26 5.94
CA THR A 199 2.27 -22.22 5.97
C THR A 199 2.80 -21.55 4.69
N GLU A 200 3.73 -20.61 4.87
CA GLU A 200 4.37 -19.87 3.79
C GLU A 200 5.59 -20.67 3.30
N GLY A 201 6.30 -20.12 2.29
CA GLY A 201 7.42 -20.78 1.65
C GLY A 201 7.01 -21.86 0.63
N VAL A 202 5.89 -21.64 -0.08
CA VAL A 202 5.37 -22.61 -1.02
C VAL A 202 5.51 -22.03 -2.41
N SER A 203 6.20 -22.74 -3.30
CA SER A 203 6.35 -22.25 -4.66
C SER A 203 5.06 -22.48 -5.46
N TRP A 204 4.54 -21.44 -6.12
CA TRP A 204 3.32 -21.55 -6.91
C TRP A 204 3.63 -21.39 -8.39
N LEU A 205 3.14 -22.37 -9.18
CA LEU A 205 3.25 -22.43 -10.63
C LEU A 205 1.85 -22.69 -11.21
N VAL A 206 1.27 -21.65 -11.78
CA VAL A 206 -0.10 -21.65 -12.27
C VAL A 206 0.01 -21.68 -13.79
N LEU A 207 -0.37 -22.84 -14.39
CA LEU A 207 -0.28 -23.11 -15.81
C LEU A 207 -1.26 -22.21 -16.57
N LYS A 208 -0.77 -21.72 -17.72
CA LYS A 208 -1.54 -20.81 -18.56
C LYS A 208 -2.60 -21.56 -19.36
N THR A 209 -2.38 -22.84 -19.68
CA THR A 209 -3.25 -23.59 -20.59
C THR A 209 -4.33 -24.26 -19.75
N TYR A 210 -5.57 -23.96 -20.12
CA TYR A 210 -6.76 -24.24 -19.33
C TYR A 210 -7.31 -25.60 -19.74
N ASP A 211 -7.70 -26.40 -18.77
CA ASP A 211 -8.47 -27.61 -19.03
C ASP A 211 -9.96 -27.19 -18.94
N HIS A 212 -10.90 -28.15 -18.92
CA HIS A 212 -12.34 -27.86 -18.93
C HIS A 212 -13.09 -28.85 -18.03
N ILE A 213 -14.18 -28.37 -17.40
CA ILE A 213 -15.18 -29.21 -16.75
C ILE A 213 -16.59 -28.74 -17.13
N ASP A 214 -17.54 -29.67 -17.24
CA ASP A 214 -18.93 -29.32 -17.46
C ASP A 214 -19.52 -29.02 -16.08
N GLN A 215 -20.82 -28.64 -16.08
CA GLN A 215 -21.52 -28.08 -14.93
C GLN A 215 -21.86 -29.16 -13.89
N ALA A 216 -22.23 -30.36 -14.35
CA ALA A 216 -22.57 -31.44 -13.42
C ALA A 216 -21.36 -31.74 -12.52
N GLN A 217 -20.18 -31.70 -13.13
CA GLN A 217 -18.98 -32.15 -12.44
C GLN A 217 -18.70 -31.25 -11.26
N ALA A 218 -18.88 -29.93 -11.48
CA ALA A 218 -18.62 -28.89 -10.48
C ALA A 218 -19.67 -28.93 -9.39
N GLU A 219 -20.92 -29.17 -9.77
CA GLU A 219 -22.01 -29.25 -8.81
C GLU A 219 -21.84 -30.48 -7.94
N LYS A 220 -21.56 -31.64 -8.55
CA LYS A 220 -21.34 -32.84 -7.76
C LYS A 220 -20.25 -32.63 -6.71
N PHE A 221 -19.14 -32.03 -7.15
CA PHE A 221 -18.01 -31.80 -6.26
C PHE A 221 -18.47 -31.02 -5.04
N THR A 222 -19.13 -29.88 -5.28
CA THR A 222 -19.64 -29.00 -4.25
C THR A 222 -20.57 -29.76 -3.29
N ARG A 223 -21.50 -30.54 -3.86
CA ARG A 223 -22.37 -31.46 -3.14
C ARG A 223 -21.58 -32.39 -2.23
N ALA A 224 -20.50 -32.98 -2.77
CA ALA A 224 -19.68 -33.90 -2.01
C ALA A 224 -19.00 -33.17 -0.85
N VAL A 225 -18.28 -32.08 -1.16
CA VAL A 225 -17.48 -31.43 -0.14
C VAL A 225 -18.34 -30.60 0.81
N GLY A 226 -19.51 -30.14 0.35
CA GLY A 226 -20.47 -29.49 1.23
C GLY A 226 -20.48 -27.97 1.10
N SER A 227 -19.53 -27.41 0.32
CA SER A 227 -19.48 -25.97 0.09
C SER A 227 -18.52 -25.61 -1.05
N GLU A 228 -18.61 -24.35 -1.51
CA GLU A 228 -17.56 -23.80 -2.35
C GLU A 228 -16.33 -23.67 -1.45
N ASN A 229 -15.17 -24.13 -1.91
CA ASN A 229 -14.01 -24.31 -1.03
C ASN A 229 -12.82 -23.48 -1.48
N ASN A 230 -13.06 -22.21 -1.85
CA ASN A 230 -11.99 -21.30 -2.22
C ASN A 230 -11.73 -20.34 -1.06
N ARG A 231 -10.48 -20.32 -0.61
CA ARG A 231 -10.02 -19.19 0.19
C ARG A 231 -10.11 -17.97 -0.73
N PRO A 232 -10.41 -16.75 -0.19
CA PRO A 232 -10.42 -15.54 -1.01
C PRO A 232 -8.97 -15.10 -1.23
N VAL A 233 -8.74 -14.41 -2.36
CA VAL A 233 -7.45 -13.88 -2.76
C VAL A 233 -6.92 -12.95 -1.67
N GLN A 234 -5.60 -13.00 -1.50
CA GLN A 234 -4.82 -12.25 -0.52
C GLN A 234 -4.00 -11.21 -1.30
N PRO A 235 -3.48 -10.11 -0.67
CA PRO A 235 -2.71 -9.10 -1.39
C PRO A 235 -1.31 -9.63 -1.72
N LEU A 236 -0.79 -9.22 -2.88
CA LEU A 236 0.55 -9.61 -3.31
C LEU A 236 1.59 -8.95 -2.42
N ASN A 237 1.27 -7.80 -1.84
CA ASN A 237 2.23 -7.07 -1.00
C ASN A 237 3.53 -6.84 -1.80
N ALA A 238 4.65 -7.44 -1.36
CA ALA A 238 5.97 -7.22 -1.95
C ALA A 238 6.22 -8.10 -3.17
N ARG A 239 5.28 -9.00 -3.53
CA ARG A 239 5.62 -10.11 -4.41
C ARG A 239 5.41 -9.69 -5.85
N VAL A 240 6.18 -10.31 -6.76
CA VAL A 240 6.02 -10.16 -8.20
C VAL A 240 5.69 -11.52 -8.80
N VAL A 241 4.65 -11.55 -9.65
CA VAL A 241 4.29 -12.70 -10.43
C VAL A 241 5.01 -12.61 -11.77
N ILE A 242 5.72 -13.69 -12.13
CA ILE A 242 6.46 -13.82 -13.38
C ILE A 242 5.60 -14.61 -14.35
N GLU A 243 5.46 -14.08 -15.58
CA GLU A 243 4.87 -14.83 -16.65
C GLU A 243 5.90 -15.11 -17.76
N THR B 22 12.60 -4.60 23.04
CA THR B 22 13.64 -5.38 23.79
C THR B 22 14.99 -5.13 23.15
N HIS B 23 16.06 -5.30 23.94
CA HIS B 23 17.41 -5.19 23.45
C HIS B 23 17.68 -6.34 22.47
N TRP B 24 18.30 -6.00 21.34
CA TRP B 24 18.72 -7.02 20.40
C TRP B 24 20.07 -6.56 19.87
N GLY B 25 20.89 -7.47 19.38
CA GLY B 25 22.23 -7.08 18.96
C GLY B 25 22.85 -8.08 18.00
N TYR B 26 24.10 -7.82 17.63
CA TYR B 26 24.84 -8.69 16.73
C TYR B 26 25.78 -9.62 17.50
N THR B 27 25.91 -9.45 18.82
CA THR B 27 26.79 -10.29 19.60
C THR B 27 26.17 -10.68 20.94
N GLY B 28 26.63 -11.83 21.45
CA GLY B 28 26.31 -12.31 22.80
C GLY B 28 24.99 -13.06 22.86
N HIS B 29 24.22 -12.81 23.93
CA HIS B 29 22.91 -13.44 24.16
C HIS B 29 21.89 -12.94 23.13
N ASP B 30 21.98 -11.65 22.76
CA ASP B 30 21.03 -10.99 21.88
C ASP B 30 21.35 -11.20 20.39
N SER B 31 22.20 -12.19 20.07
CA SER B 31 22.73 -12.44 18.74
C SER B 31 21.64 -12.80 17.74
N PRO B 32 21.87 -12.70 16.39
CA PRO B 32 20.81 -12.98 15.41
C PRO B 32 20.10 -14.33 15.54
N GLU B 33 20.79 -15.35 16.09
CA GLU B 33 20.23 -16.68 16.23
C GLU B 33 19.11 -16.70 17.28
N SER B 34 19.14 -15.77 18.23
CA SER B 34 18.24 -15.77 19.36
C SER B 34 17.10 -14.77 19.15
N TRP B 35 17.13 -13.94 18.09
CA TRP B 35 16.22 -12.81 17.98
C TRP B 35 14.77 -13.24 18.15
N GLY B 36 14.43 -14.38 17.55
CA GLY B 36 13.07 -14.89 17.54
C GLY B 36 12.59 -15.36 18.92
N ASN B 37 13.53 -15.60 19.86
CA ASN B 37 13.24 -16.05 21.23
C ASN B 37 13.17 -14.90 22.25
N LEU B 38 13.89 -13.80 21.98
CA LEU B 38 13.98 -12.67 22.90
C LEU B 38 12.57 -12.19 23.27
N SER B 39 11.64 -12.25 22.31
CA SER B 39 10.26 -11.83 22.54
C SER B 39 9.35 -12.34 21.43
N GLU B 40 8.06 -12.30 21.74
CA GLU B 40 7.00 -12.83 20.90
C GLU B 40 6.82 -11.99 19.62
N GLU B 41 6.94 -10.66 19.70
CA GLU B 41 6.75 -9.85 18.50
C GLU B 41 7.95 -9.93 17.54
N PHE B 42 9.10 -10.48 18.00
CA PHE B 42 10.29 -10.63 17.16
C PHE B 42 10.29 -11.99 16.46
N ARG B 43 9.18 -12.73 16.57
CA ARG B 43 9.17 -14.17 16.31
C ARG B 43 9.38 -14.52 14.82
N LEU B 44 8.93 -13.65 13.90
CA LEU B 44 9.10 -13.93 12.47
C LEU B 44 10.58 -14.02 12.09
N CYS B 45 11.49 -13.52 12.97
CA CYS B 45 12.94 -13.53 12.75
C CYS B 45 13.42 -14.99 12.68
N SER B 46 12.77 -15.89 13.44
CA SER B 46 13.10 -17.30 13.44
C SER B 46 12.14 -18.11 12.54
N THR B 47 10.91 -17.63 12.32
CA THR B 47 9.95 -18.48 11.63
C THR B 47 9.70 -18.00 10.20
N GLY B 48 10.20 -16.81 9.84
CA GLY B 48 9.88 -16.30 8.51
C GLY B 48 10.42 -17.21 7.42
N LYS B 49 9.68 -17.31 6.31
CA LYS B 49 10.13 -18.08 5.14
C LYS B 49 10.64 -17.14 4.04
N ASN B 50 10.53 -15.81 4.25
CA ASN B 50 10.88 -14.80 3.25
C ASN B 50 11.69 -13.67 3.87
N GLN B 51 12.77 -14.06 4.57
CA GLN B 51 13.63 -13.17 5.34
C GLN B 51 14.77 -12.68 4.45
N SER B 52 15.29 -11.50 4.80
CA SER B 52 16.41 -10.86 4.12
C SER B 52 17.52 -10.70 5.16
N PRO B 53 18.81 -10.64 4.80
CA PRO B 53 19.28 -10.58 3.42
C PRO B 53 19.44 -11.95 2.77
N VAL B 54 19.61 -11.98 1.43
CA VAL B 54 19.84 -13.26 0.77
C VAL B 54 21.11 -13.20 -0.10
N ASN B 55 21.48 -14.39 -0.58
CA ASN B 55 22.52 -14.53 -1.57
C ASN B 55 21.87 -14.68 -2.95
N ILE B 56 21.94 -13.63 -3.76
CA ILE B 56 21.51 -13.67 -5.15
C ILE B 56 22.47 -14.58 -5.92
N THR B 57 22.01 -15.76 -6.38
CA THR B 57 22.77 -16.64 -7.27
C THR B 57 21.97 -16.88 -8.55
N GLU B 58 20.99 -17.78 -8.49
CA GLU B 58 20.15 -18.03 -9.65
C GLU B 58 19.12 -16.91 -9.78
N THR B 59 18.96 -16.41 -11.00
CA THR B 59 17.91 -15.47 -11.28
C THR B 59 17.13 -15.85 -12.54
N VAL B 60 15.99 -15.19 -12.66
CA VAL B 60 15.21 -15.19 -13.88
C VAL B 60 15.41 -13.83 -14.53
N SER B 61 15.84 -13.84 -15.79
CA SER B 61 15.93 -12.59 -16.53
C SER B 61 14.51 -12.12 -16.85
N GLY B 62 14.17 -10.89 -16.39
CA GLY B 62 12.88 -10.26 -16.64
C GLY B 62 13.03 -8.79 -17.07
N LYS B 63 11.94 -8.24 -17.61
CA LYS B 63 11.85 -6.83 -18.00
C LYS B 63 11.31 -6.09 -16.78
N LEU B 64 12.22 -5.60 -15.94
CA LEU B 64 11.81 -5.00 -14.69
C LEU B 64 11.41 -3.55 -14.97
N PRO B 65 10.44 -2.96 -14.23
CA PRO B 65 10.11 -1.53 -14.39
C PRO B 65 11.28 -0.64 -13.98
N ALA B 66 11.53 0.46 -14.71
CA ALA B 66 12.65 1.35 -14.41
C ALA B 66 12.31 2.20 -13.18
N ILE B 67 13.37 2.63 -12.48
CA ILE B 67 13.31 3.45 -11.28
C ILE B 67 13.49 4.92 -11.67
N LYS B 68 12.59 5.81 -11.23
CA LYS B 68 12.84 7.25 -11.28
C LYS B 68 13.09 7.75 -9.85
N VAL B 69 14.15 8.55 -9.68
CA VAL B 69 14.61 9.12 -8.42
C VAL B 69 14.27 10.61 -8.39
N ASN B 70 13.54 11.01 -7.33
CA ASN B 70 13.16 12.39 -7.11
C ASN B 70 13.65 12.79 -5.71
N TYR B 71 14.97 12.94 -5.57
CA TYR B 71 15.59 13.34 -4.31
C TYR B 71 16.10 14.80 -4.41
N LYS B 72 16.29 15.46 -3.27
CA LYS B 72 16.55 16.89 -3.28
C LYS B 72 17.35 17.26 -2.04
N PRO B 73 17.94 18.48 -1.96
CA PRO B 73 18.64 18.91 -0.75
C PRO B 73 17.60 19.04 0.36
N SER B 74 17.85 18.36 1.50
CA SER B 74 16.88 18.32 2.59
C SER B 74 17.67 18.54 3.88
N MET B 75 16.95 18.86 4.97
CA MET B 75 17.53 18.81 6.30
C MET B 75 17.25 17.42 6.92
N VAL B 76 18.32 16.80 7.46
CA VAL B 76 18.26 15.45 8.00
C VAL B 76 19.00 15.45 9.33
N ASP B 77 18.75 14.42 10.16
CA ASP B 77 19.58 14.19 11.32
C ASP B 77 20.39 12.92 11.06
N VAL B 78 21.49 12.76 11.80
CA VAL B 78 22.36 11.60 11.67
C VAL B 78 22.48 10.93 13.04
N GLU B 79 22.15 9.65 13.09
CA GLU B 79 21.95 8.94 14.35
C GLU B 79 22.93 7.78 14.42
N ASN B 80 23.65 7.65 15.52
CA ASN B 80 24.16 6.36 15.96
C ASN B 80 23.13 5.81 16.95
N ASN B 81 22.26 4.91 16.46
CA ASN B 81 21.24 4.27 17.29
C ASN B 81 21.77 3.01 17.98
N GLY B 82 23.07 2.75 17.93
CA GLY B 82 23.60 1.55 18.56
C GLY B 82 23.75 0.39 17.58
N HIS B 83 23.00 0.38 16.46
CA HIS B 83 22.94 -0.77 15.57
C HIS B 83 23.37 -0.39 14.17
N THR B 84 23.33 0.92 13.88
CA THR B 84 23.78 1.45 12.60
C THR B 84 24.06 2.95 12.77
N ILE B 85 24.45 3.58 11.66
CA ILE B 85 24.41 5.03 11.48
C ILE B 85 23.29 5.32 10.47
N GLN B 86 22.38 6.21 10.86
CA GLN B 86 21.12 6.32 10.15
C GLN B 86 20.88 7.80 9.88
N VAL B 87 20.41 8.04 8.66
CA VAL B 87 20.11 9.38 8.23
C VAL B 87 18.61 9.48 8.02
N ASN B 88 18.00 10.28 8.89
CA ASN B 88 16.56 10.29 9.07
C ASN B 88 16.00 11.53 8.37
N TYR B 89 14.87 11.34 7.66
CA TYR B 89 14.15 12.38 6.93
C TYR B 89 12.89 12.82 7.71
N PRO B 90 12.91 13.92 8.50
CA PRO B 90 11.69 14.37 9.19
C PRO B 90 10.53 14.73 8.24
N GLU B 91 10.85 14.93 6.95
CA GLU B 91 9.88 15.32 5.93
C GLU B 91 9.96 14.46 4.67
N GLY B 92 8.82 14.37 3.97
CA GLY B 92 8.73 13.75 2.67
C GLY B 92 9.35 14.64 1.59
N GLY B 93 9.02 14.30 0.33
CA GLY B 93 9.51 15.00 -0.85
C GLY B 93 10.73 14.32 -1.49
N ASN B 94 11.25 13.28 -0.81
CA ASN B 94 12.36 12.48 -1.37
C ASN B 94 11.79 11.14 -1.76
N THR B 95 11.59 10.95 -3.06
CA THR B 95 10.72 9.91 -3.53
C THR B 95 11.41 9.10 -4.62
N LEU B 96 10.81 7.93 -4.80
CA LEU B 96 11.22 6.90 -5.73
C LEU B 96 9.94 6.43 -6.42
N THR B 97 9.90 6.54 -7.76
CA THR B 97 8.75 6.12 -8.55
C THR B 97 9.11 4.83 -9.32
N VAL B 98 8.28 3.79 -9.19
CA VAL B 98 8.58 2.59 -9.93
C VAL B 98 7.32 1.75 -10.10
N ASN B 99 7.01 1.42 -11.37
CA ASN B 99 5.82 0.69 -11.71
C ASN B 99 4.59 1.48 -11.29
N GLY B 100 4.58 2.77 -11.63
CA GLY B 100 3.46 3.66 -11.34
C GLY B 100 3.37 4.13 -9.89
N ARG B 101 4.06 3.46 -8.95
CA ARG B 101 3.88 3.70 -7.52
C ARG B 101 5.01 4.62 -7.06
N THR B 102 4.70 5.48 -6.08
CA THR B 102 5.64 6.48 -5.56
C THR B 102 5.87 6.22 -4.08
N TYR B 103 7.14 5.99 -3.71
CA TYR B 103 7.57 5.68 -2.35
C TYR B 103 8.43 6.80 -1.79
N THR B 104 8.03 7.33 -0.62
CA THR B 104 8.79 8.38 0.04
C THR B 104 9.86 7.77 0.92
N LEU B 105 11.05 8.37 0.84
CA LEU B 105 12.20 8.03 1.65
C LEU B 105 12.01 8.51 3.08
N LYS B 106 12.23 7.58 4.01
CA LYS B 106 12.06 7.75 5.45
C LYS B 106 13.42 7.93 6.12
N GLN B 107 14.36 7.06 5.74
CA GLN B 107 15.70 6.99 6.30
C GLN B 107 16.61 6.23 5.32
N PHE B 108 17.94 6.34 5.50
CA PHE B 108 18.86 5.36 4.97
C PHE B 108 19.86 5.04 6.06
N HIS B 109 20.57 3.91 5.92
CA HIS B 109 21.56 3.51 6.90
C HIS B 109 22.45 2.50 6.20
N PHE B 110 23.49 2.05 6.93
CA PHE B 110 24.57 1.26 6.35
C PHE B 110 24.78 -0.05 7.14
N HIS B 111 25.28 -1.09 6.46
CA HIS B 111 25.81 -2.31 7.10
C HIS B 111 27.29 -2.52 6.74
N VAL B 112 28.14 -2.71 7.76
CA VAL B 112 29.53 -3.07 7.54
C VAL B 112 29.76 -4.45 8.19
N PRO B 113 30.05 -5.53 7.41
CA PRO B 113 30.00 -5.51 5.95
C PRO B 113 28.60 -5.61 5.36
N SER B 114 28.53 -5.91 4.05
CA SER B 114 27.25 -6.02 3.35
C SER B 114 26.46 -7.18 3.93
N GLU B 115 25.13 -7.14 3.72
CA GLU B 115 24.16 -8.12 4.23
C GLU B 115 23.77 -9.10 3.12
N ASN B 116 23.23 -8.53 2.02
CA ASN B 116 22.97 -9.24 0.78
C ASN B 116 24.31 -9.57 0.12
N GLN B 117 24.33 -10.61 -0.72
CA GLN B 117 25.52 -11.01 -1.45
C GLN B 117 25.14 -11.20 -2.92
N ILE B 118 26.14 -11.12 -3.81
CA ILE B 118 25.99 -11.52 -5.21
C ILE B 118 26.87 -12.75 -5.41
N LYS B 119 26.22 -13.90 -5.71
CA LYS B 119 26.89 -15.14 -6.02
C LYS B 119 27.90 -15.49 -4.94
N GLY B 120 27.61 -15.13 -3.67
CA GLY B 120 28.49 -15.49 -2.57
C GLY B 120 29.58 -14.46 -2.26
N ARG B 121 29.64 -13.36 -3.01
CA ARG B 121 30.54 -12.24 -2.72
C ARG B 121 29.84 -11.34 -1.71
N THR B 122 30.49 -11.08 -0.56
CA THR B 122 30.10 -10.04 0.40
C THR B 122 30.96 -8.79 0.18
N PHE B 123 30.35 -7.61 0.39
CA PHE B 123 30.95 -6.34 0.03
C PHE B 123 31.36 -5.59 1.31
N PRO B 124 32.42 -4.76 1.28
CA PRO B 124 32.79 -3.96 2.45
C PRO B 124 31.67 -3.16 3.13
N MET B 125 30.69 -2.67 2.36
CA MET B 125 29.57 -1.92 2.94
C MET B 125 28.34 -2.09 2.06
N GLU B 126 27.18 -1.86 2.67
CA GLU B 126 25.89 -1.76 1.97
C GLU B 126 25.10 -0.62 2.58
N ALA B 127 24.45 0.18 1.73
CA ALA B 127 23.54 1.23 2.15
C ALA B 127 22.11 0.79 1.95
N HIS B 128 21.23 1.10 2.89
CA HIS B 128 19.85 0.71 2.70
C HIS B 128 19.01 1.98 2.70
N PHE B 129 18.27 2.21 1.60
CA PHE B 129 17.37 3.34 1.53
C PHE B 129 15.93 2.84 1.74
N VAL B 130 15.32 3.25 2.87
CA VAL B 130 14.06 2.70 3.35
C VAL B 130 12.91 3.67 3.02
N HIS B 131 11.89 3.20 2.24
CA HIS B 131 10.74 3.99 1.82
C HIS B 131 9.40 3.33 2.17
N LEU B 132 8.35 4.17 2.22
CA LEU B 132 6.96 3.73 2.22
C LEU B 132 6.18 4.46 1.12
N ASP B 133 5.21 3.76 0.48
CA ASP B 133 4.25 4.41 -0.42
C ASP B 133 3.09 4.97 0.39
N GLU B 134 2.06 5.50 -0.30
CA GLU B 134 0.83 5.96 0.35
C GLU B 134 0.07 4.77 0.93
N ASN B 135 0.45 3.54 0.54
CA ASN B 135 -0.20 2.33 1.06
C ASN B 135 0.52 1.80 2.29
N LYS B 136 1.69 2.38 2.63
CA LYS B 136 2.57 1.81 3.65
C LYS B 136 3.26 0.55 3.11
N GLN B 137 3.36 0.45 1.77
CA GLN B 137 4.11 -0.62 1.11
C GLN B 137 5.60 -0.32 1.30
N PRO B 138 6.32 -1.08 2.16
CA PRO B 138 7.73 -0.80 2.38
C PRO B 138 8.53 -1.19 1.13
N LEU B 139 9.59 -0.41 0.86
CA LEU B 139 10.56 -0.68 -0.18
C LEU B 139 11.95 -0.28 0.33
N VAL B 140 12.93 -1.18 0.19
CA VAL B 140 14.32 -0.89 0.46
C VAL B 140 15.07 -1.00 -0.86
N LEU B 141 15.78 0.11 -1.19
CA LEU B 141 16.75 0.23 -2.28
C LEU B 141 18.16 0.12 -1.70
N ALA B 142 18.95 -0.85 -2.21
CA ALA B 142 20.28 -1.18 -1.70
C ALA B 142 21.36 -0.73 -2.68
N VAL B 143 22.44 -0.19 -2.11
CA VAL B 143 23.70 0.10 -2.80
C VAL B 143 24.79 -0.72 -2.11
N LEU B 144 25.56 -1.45 -2.92
CA LEU B 144 26.71 -2.22 -2.45
C LEU B 144 27.98 -1.46 -2.82
N TYR B 145 28.92 -1.33 -1.86
CA TYR B 145 30.21 -0.64 -2.09
C TYR B 145 31.34 -1.66 -2.21
N GLU B 146 32.06 -1.64 -3.33
CA GLU B 146 33.34 -2.35 -3.44
C GLU B 146 34.42 -1.54 -2.72
N ALA B 147 35.57 -2.19 -2.53
CA ALA B 147 36.77 -1.48 -2.11
C ALA B 147 37.24 -0.57 -3.26
N GLY B 148 37.73 0.62 -2.90
CA GLY B 148 38.26 1.54 -3.88
C GLY B 148 38.64 2.87 -3.26
N LYS B 149 38.49 3.92 -4.07
CA LYS B 149 38.73 5.29 -3.65
C LYS B 149 37.84 5.69 -2.45
N THR B 150 38.43 6.41 -1.49
CA THR B 150 37.70 7.14 -0.46
C THR B 150 36.45 7.80 -1.07
N ASN B 151 35.27 7.44 -0.55
CA ASN B 151 34.00 7.92 -1.09
C ASN B 151 33.79 9.34 -0.57
N GLY B 152 33.78 10.31 -1.47
CA GLY B 152 33.72 11.71 -1.09
C GLY B 152 32.30 12.18 -0.83
N ARG B 153 31.35 11.63 -1.58
CA ARG B 153 29.93 11.94 -1.46
C ARG B 153 29.36 11.51 -0.12
N LEU B 154 30.01 10.57 0.57
CA LEU B 154 29.57 10.10 1.87
C LEU B 154 30.04 11.00 2.99
N SER B 155 31.05 11.86 2.72
CA SER B 155 31.83 12.50 3.76
C SER B 155 31.03 13.49 4.62
N SER B 156 29.91 14.04 4.10
CA SER B 156 28.95 14.78 4.92
C SER B 156 28.61 14.04 6.22
N ILE B 157 28.30 12.74 6.03
CA ILE B 157 27.79 11.87 7.08
C ILE B 157 28.98 11.45 7.92
N TRP B 158 30.00 10.94 7.25
CA TRP B 158 31.16 10.40 7.92
C TRP B 158 31.84 11.42 8.83
N ASN B 159 31.94 12.68 8.37
CA ASN B 159 32.61 13.73 9.12
C ASN B 159 31.86 14.08 10.41
N VAL B 160 30.53 13.87 10.46
CA VAL B 160 29.70 14.20 11.62
C VAL B 160 29.10 12.96 12.29
N MET B 161 29.36 11.74 11.79
CA MET B 161 28.88 10.49 12.36
C MET B 161 29.13 10.52 13.89
N PRO B 162 28.07 10.42 14.74
CA PRO B 162 28.27 10.32 16.17
C PRO B 162 29.05 9.04 16.48
N MET B 163 29.92 9.06 17.50
CA MET B 163 30.75 7.89 17.80
C MET B 163 30.23 7.16 19.04
N THR B 164 29.16 7.66 19.67
CA THR B 164 28.43 6.99 20.75
C THR B 164 26.93 7.11 20.45
N ALA B 165 26.04 6.44 21.23
CA ALA B 165 24.59 6.57 21.04
C ALA B 165 24.17 8.04 21.14
N GLY B 166 23.68 8.63 20.04
CA GLY B 166 23.45 10.07 19.94
C GLY B 166 23.19 10.50 18.49
N LYS B 167 22.70 11.74 18.29
CA LYS B 167 22.24 12.22 16.99
C LYS B 167 22.99 13.50 16.62
N VAL B 168 22.89 13.90 15.33
CA VAL B 168 23.41 15.17 14.83
C VAL B 168 22.31 15.76 13.95
N LYS B 169 21.59 16.78 14.43
CA LYS B 169 20.36 17.21 13.78
C LYS B 169 20.64 18.38 12.84
N LEU B 170 19.72 18.57 11.87
CA LEU B 170 19.70 19.73 10.98
C LEU B 170 21.10 19.95 10.40
N ASN B 171 21.88 18.88 10.31
CA ASN B 171 23.33 19.03 10.33
C ASN B 171 23.95 18.23 9.20
N GLN B 172 23.23 18.16 8.06
CA GLN B 172 23.78 17.55 6.86
C GLN B 172 23.29 18.26 5.60
N PRO B 173 22.51 19.36 5.66
CA PRO B 173 21.64 19.71 4.55
C PRO B 173 21.86 18.83 3.30
N PHE B 174 21.65 17.52 3.46
CA PHE B 174 22.11 16.53 2.49
C PHE B 174 21.14 16.44 1.32
N ASP B 175 21.71 16.10 0.15
CA ASP B 175 20.99 15.67 -1.03
C ASP B 175 21.45 14.26 -1.37
N ALA B 176 20.57 13.28 -1.17
CA ALA B 176 20.87 11.86 -1.29
C ALA B 176 21.07 11.43 -2.76
N SER B 177 20.58 12.26 -3.69
CA SER B 177 20.79 12.08 -5.13
C SER B 177 22.18 11.51 -5.47
N THR B 178 23.20 11.96 -4.70
CA THR B 178 24.62 11.69 -4.94
C THR B 178 25.01 10.22 -4.80
N LEU B 179 24.32 9.52 -3.87
CA LEU B 179 24.64 8.15 -3.44
C LEU B 179 23.97 7.12 -4.34
N LEU B 180 23.06 7.55 -5.23
CA LEU B 180 22.45 6.63 -6.18
C LEU B 180 23.14 6.75 -7.54
N PRO B 181 23.49 5.62 -8.21
CA PRO B 181 24.25 5.69 -9.45
C PRO B 181 23.33 6.17 -10.57
N LYS B 182 23.90 6.70 -11.64
CA LYS B 182 23.09 7.17 -12.77
C LYS B 182 22.39 5.96 -13.37
N ARG B 183 23.12 4.85 -13.51
CA ARG B 183 22.55 3.61 -14.05
C ARG B 183 21.82 2.87 -12.94
N LEU B 184 20.53 2.57 -13.18
CA LEU B 184 19.62 2.18 -12.12
C LEU B 184 19.01 0.79 -12.34
N LYS B 185 19.78 -0.13 -12.96
CA LYS B 185 19.42 -1.54 -13.09
C LYS B 185 19.55 -2.23 -11.72
N TYR B 186 18.70 -3.26 -11.47
CA TYR B 186 18.58 -3.86 -10.13
C TYR B 186 18.10 -5.32 -10.15
N TYR B 187 18.40 -6.05 -9.08
CA TYR B 187 17.77 -7.32 -8.83
C TYR B 187 16.48 -7.04 -8.07
N ARG B 188 15.45 -7.89 -8.25
CA ARG B 188 14.18 -7.70 -7.55
C ARG B 188 13.81 -8.98 -6.81
N PHE B 189 13.76 -8.92 -5.49
CA PHE B 189 13.12 -9.98 -4.72
C PHE B 189 12.14 -9.40 -3.71
N ALA B 190 11.40 -10.28 -3.05
CA ALA B 190 10.59 -9.93 -1.89
C ALA B 190 11.28 -10.42 -0.61
N GLY B 191 11.15 -9.69 0.50
CA GLY B 191 11.83 -10.10 1.72
C GLY B 191 11.36 -9.38 2.97
N SER B 192 12.30 -9.11 3.87
CA SER B 192 11.99 -8.69 5.23
C SER B 192 12.85 -7.49 5.60
N LEU B 193 12.57 -6.90 6.77
CA LEU B 193 13.52 -6.08 7.51
C LEU B 193 14.64 -7.01 8.00
N THR B 194 15.89 -6.52 8.06
CA THR B 194 16.99 -7.44 8.36
C THR B 194 17.32 -7.30 9.84
N THR B 195 16.49 -6.53 10.54
CA THR B 195 16.58 -6.30 11.98
C THR B 195 15.24 -6.69 12.64
N PRO B 196 15.19 -7.04 13.94
CA PRO B 196 13.88 -7.26 14.59
C PRO B 196 12.94 -6.04 14.44
N PRO B 197 11.61 -6.22 14.29
CA PRO B 197 10.95 -7.53 14.21
C PRO B 197 10.94 -8.31 12.88
N CYS B 198 11.89 -8.05 11.97
CA CYS B 198 12.04 -8.91 10.80
C CYS B 198 10.74 -9.01 10.01
N THR B 199 9.97 -7.92 10.01
CA THR B 199 8.69 -7.85 9.32
C THR B 199 8.89 -8.16 7.85
N GLU B 200 7.96 -8.92 7.26
CA GLU B 200 7.97 -9.29 5.85
C GLU B 200 7.08 -8.32 5.07
N GLY B 201 6.85 -8.64 3.79
CA GLY B 201 6.18 -7.73 2.87
C GLY B 201 7.06 -6.57 2.41
N VAL B 202 8.40 -6.76 2.42
CA VAL B 202 9.37 -5.72 2.03
C VAL B 202 9.84 -5.99 0.58
N SER B 203 9.67 -5.00 -0.32
CA SER B 203 10.23 -5.01 -1.66
C SER B 203 11.72 -4.64 -1.62
N TRP B 204 12.58 -5.47 -2.25
CA TRP B 204 14.04 -5.34 -2.20
C TRP B 204 14.57 -5.05 -3.60
N LEU B 205 15.07 -3.82 -3.79
CA LEU B 205 15.72 -3.43 -5.04
C LEU B 205 17.21 -3.19 -4.77
N VAL B 206 18.05 -4.15 -5.21
CA VAL B 206 19.51 -4.11 -5.10
C VAL B 206 20.12 -3.63 -6.43
N LEU B 207 20.81 -2.49 -6.39
CA LEU B 207 21.39 -1.90 -7.59
C LEU B 207 22.57 -2.75 -8.08
N LYS B 208 22.72 -2.89 -9.40
CA LYS B 208 23.75 -3.73 -9.99
C LYS B 208 25.05 -2.95 -10.17
N THR B 209 24.90 -1.62 -10.30
CA THR B 209 26.02 -0.68 -10.34
C THR B 209 26.56 -0.47 -8.91
N TYR B 210 27.78 -0.92 -8.68
CA TYR B 210 28.47 -0.83 -7.41
C TYR B 210 29.10 0.56 -7.19
N ASP B 211 29.04 1.06 -5.95
CA ASP B 211 29.73 2.26 -5.51
C ASP B 211 31.02 1.80 -4.83
N HIS B 212 31.81 2.75 -4.32
CA HIS B 212 33.12 2.43 -3.76
C HIS B 212 33.27 3.04 -2.36
N ILE B 213 34.03 2.38 -1.49
CA ILE B 213 34.56 2.97 -0.26
C ILE B 213 35.96 2.42 -0.01
N ASP B 214 36.63 2.98 1.00
CA ASP B 214 37.93 2.54 1.43
C ASP B 214 37.81 2.03 2.86
N GLN B 215 38.83 1.33 3.34
CA GLN B 215 38.72 0.53 4.55
C GLN B 215 38.75 1.44 5.78
N ALA B 216 39.37 2.63 5.65
CA ALA B 216 39.33 3.62 6.72
C ALA B 216 37.89 4.11 6.96
N GLN B 217 37.05 4.16 5.92
CA GLN B 217 35.65 4.55 6.09
C GLN B 217 34.79 3.40 6.64
N ALA B 218 35.04 2.18 6.16
CA ALA B 218 34.38 0.99 6.69
C ALA B 218 34.65 0.87 8.19
N GLU B 219 35.93 1.10 8.55
CA GLU B 219 36.43 0.85 9.90
C GLU B 219 35.89 1.90 10.88
N LYS B 220 35.94 3.19 10.51
CA LYS B 220 35.33 4.26 11.30
C LYS B 220 33.90 3.89 11.68
N PHE B 221 33.15 3.37 10.70
CA PHE B 221 31.76 2.97 10.88
C PHE B 221 31.67 1.86 11.93
N THR B 222 32.57 0.86 11.82
CA THR B 222 32.64 -0.25 12.76
C THR B 222 32.96 0.29 14.16
N ARG B 223 33.95 1.18 14.26
CA ARG B 223 34.32 1.76 15.54
C ARG B 223 33.12 2.47 16.19
N ALA B 224 32.40 3.27 15.38
CA ALA B 224 31.31 4.12 15.84
C ALA B 224 30.15 3.30 16.40
N VAL B 225 29.71 2.29 15.64
CA VAL B 225 28.48 1.57 15.95
C VAL B 225 28.72 0.57 17.08
N GLY B 226 29.90 -0.07 17.12
CA GLY B 226 30.25 -0.99 18.19
C GLY B 226 30.50 -2.43 17.72
N SER B 227 29.98 -2.83 16.56
CA SER B 227 30.23 -4.16 16.04
C SER B 227 29.98 -4.22 14.54
N GLU B 228 30.22 -5.40 13.94
CA GLU B 228 29.78 -5.71 12.60
C GLU B 228 28.27 -5.93 12.67
N ASN B 229 27.50 -5.24 11.81
CA ASN B 229 26.05 -5.21 11.99
C ASN B 229 25.35 -5.79 10.76
N ASN B 230 25.92 -6.86 10.21
CA ASN B 230 25.30 -7.60 9.14
C ASN B 230 24.65 -8.85 9.75
N ARG B 231 23.39 -9.10 9.36
CA ARG B 231 22.68 -10.34 9.66
C ARG B 231 23.11 -11.42 8.69
N PRO B 232 23.19 -12.72 9.09
CA PRO B 232 23.56 -13.77 8.14
C PRO B 232 22.48 -13.85 7.07
N VAL B 233 22.81 -14.44 5.92
CA VAL B 233 21.82 -14.56 4.87
C VAL B 233 20.87 -15.71 5.15
N GLN B 234 19.70 -15.58 4.53
CA GLN B 234 18.54 -16.40 4.83
C GLN B 234 18.23 -17.13 3.54
N PRO B 235 17.70 -18.36 3.62
CA PRO B 235 17.40 -19.13 2.40
C PRO B 235 16.25 -18.46 1.67
N LEU B 236 16.22 -18.64 0.35
CA LEU B 236 15.24 -17.96 -0.48
C LEU B 236 13.91 -18.68 -0.38
N ASN B 237 14.00 -20.01 -0.24
CA ASN B 237 12.83 -20.86 -0.08
C ASN B 237 12.05 -20.84 -1.39
N ALA B 238 10.81 -20.30 -1.36
CA ALA B 238 9.91 -20.33 -2.51
C ALA B 238 10.26 -19.22 -3.51
N ARG B 239 11.18 -18.33 -3.14
CA ARG B 239 11.30 -17.04 -3.81
C ARG B 239 12.27 -17.11 -5.00
N VAL B 240 11.99 -16.22 -5.95
CA VAL B 240 12.72 -16.06 -7.20
C VAL B 240 13.30 -14.65 -7.18
N VAL B 241 14.59 -14.54 -7.50
CA VAL B 241 15.23 -13.26 -7.73
C VAL B 241 15.24 -13.01 -9.23
N ILE B 242 14.64 -11.87 -9.60
CA ILE B 242 14.56 -11.36 -10.95
C ILE B 242 15.68 -10.33 -11.14
N GLU B 243 16.41 -10.48 -12.25
CA GLU B 243 17.43 -9.53 -12.67
C GLU B 243 17.06 -9.01 -14.06
N THR C 22 2.56 12.28 8.85
CA THR C 22 1.06 12.35 8.78
C THR C 22 0.66 13.82 8.73
N HIS C 23 -0.34 14.11 7.90
CA HIS C 23 -0.65 15.47 7.47
C HIS C 23 -1.41 16.19 8.58
N TRP C 24 -0.89 17.35 9.01
CA TRP C 24 -1.66 18.25 9.89
C TRP C 24 -1.54 19.70 9.41
N GLY C 25 -2.49 20.54 9.84
CA GLY C 25 -2.42 21.97 9.54
C GLY C 25 -3.25 22.80 10.51
N TYR C 26 -3.64 24.00 10.04
CA TYR C 26 -4.26 25.02 10.88
C TYR C 26 -5.67 25.35 10.38
N THR C 27 -5.98 24.95 9.15
CA THR C 27 -7.32 25.11 8.62
C THR C 27 -7.78 23.74 8.12
N GLY C 28 -9.02 23.71 7.63
CA GLY C 28 -9.66 22.47 7.24
C GLY C 28 -9.82 21.54 8.43
N HIS C 29 -10.26 20.31 8.16
CA HIS C 29 -10.45 19.30 9.20
C HIS C 29 -9.10 18.65 9.53
N ASP C 30 -8.03 19.34 9.08
CA ASP C 30 -6.62 19.16 9.40
C ASP C 30 -6.27 19.83 10.73
N SER C 31 -7.11 20.78 11.16
CA SER C 31 -6.69 21.85 12.05
C SER C 31 -6.43 21.37 13.48
N PRO C 32 -6.03 22.30 14.39
CA PRO C 32 -5.51 21.92 15.72
C PRO C 32 -6.46 21.33 16.75
N GLU C 33 -7.76 21.55 16.57
CA GLU C 33 -8.80 20.91 17.34
C GLU C 33 -8.63 19.38 17.18
N SER C 34 -8.24 18.95 15.96
CA SER C 34 -8.25 17.56 15.49
C SER C 34 -6.92 16.81 15.67
N TRP C 35 -5.84 17.54 16.00
CA TRP C 35 -4.49 16.99 15.96
C TRP C 35 -4.39 15.65 16.71
N GLY C 36 -4.99 15.56 17.90
CA GLY C 36 -4.99 14.35 18.69
C GLY C 36 -5.68 13.14 18.03
N ASN C 37 -6.62 13.39 17.09
CA ASN C 37 -7.37 12.35 16.39
C ASN C 37 -6.63 11.79 15.18
N LEU C 38 -5.53 12.44 14.73
CA LEU C 38 -4.98 12.18 13.41
C LEU C 38 -4.12 10.92 13.43
N SER C 39 -3.48 10.66 14.58
CA SER C 39 -2.84 9.40 14.87
C SER C 39 -2.55 9.32 16.37
N GLU C 40 -2.32 8.09 16.85
CA GLU C 40 -1.91 7.79 18.21
C GLU C 40 -0.75 8.68 18.68
N GLU C 41 0.23 8.90 17.81
CA GLU C 41 1.46 9.61 18.15
C GLU C 41 1.19 11.07 18.54
N PHE C 42 0.08 11.68 18.07
CA PHE C 42 -0.28 13.08 18.34
C PHE C 42 -1.25 13.28 19.52
N ARG C 43 -1.46 12.23 20.30
CA ARG C 43 -2.50 12.16 21.32
C ARG C 43 -2.34 13.29 22.33
N LEU C 44 -1.11 13.58 22.77
CA LEU C 44 -0.89 14.57 23.83
C LEU C 44 -1.26 15.98 23.35
N CYS C 45 -1.52 16.14 22.02
CA CYS C 45 -2.05 17.40 21.50
C CYS C 45 -3.44 17.67 22.08
N SER C 46 -4.21 16.61 22.41
CA SER C 46 -5.52 16.86 23.01
C SER C 46 -5.58 16.45 24.49
N THR C 47 -4.73 15.55 24.98
CA THR C 47 -4.87 15.03 26.34
C THR C 47 -3.85 15.63 27.31
N GLY C 48 -2.83 16.33 26.81
CA GLY C 48 -1.81 16.89 27.69
C GLY C 48 -2.38 18.05 28.52
N LYS C 49 -1.89 18.19 29.77
CA LYS C 49 -2.33 19.20 30.71
C LYS C 49 -1.27 20.32 30.81
N ASN C 50 -0.18 20.20 30.03
CA ASN C 50 0.94 21.12 30.07
C ASN C 50 1.29 21.55 28.64
N GLN C 51 0.24 21.98 27.92
CA GLN C 51 0.34 22.33 26.50
C GLN C 51 0.72 23.82 26.33
N SER C 52 1.42 24.08 25.22
CA SER C 52 1.76 25.42 24.74
C SER C 52 1.03 25.70 23.42
N PRO C 53 0.74 26.98 23.06
CA PRO C 53 1.12 28.16 23.85
C PRO C 53 0.11 28.53 24.93
N VAL C 54 0.42 29.58 25.68
CA VAL C 54 -0.42 30.01 26.79
C VAL C 54 -0.64 31.52 26.72
N ASN C 55 -1.71 31.96 27.42
CA ASN C 55 -1.96 33.35 27.74
C ASN C 55 -1.42 33.67 29.14
N ILE C 56 -0.35 34.45 29.20
CA ILE C 56 0.28 34.75 30.48
C ILE C 56 -0.44 35.94 31.13
N THR C 57 -1.21 35.64 32.20
CA THR C 57 -1.93 36.64 32.99
C THR C 57 -1.33 36.74 34.40
N GLU C 58 -1.84 35.89 35.29
CA GLU C 58 -1.33 35.75 36.63
C GLU C 58 0.10 35.22 36.62
N THR C 59 1.01 35.92 37.32
CA THR C 59 2.37 35.45 37.46
C THR C 59 2.76 35.51 38.94
N VAL C 60 3.84 34.81 39.27
CA VAL C 60 4.51 34.87 40.56
C VAL C 60 5.87 35.52 40.36
N SER C 61 6.10 36.68 41.00
CA SER C 61 7.37 37.38 40.87
C SER C 61 8.49 36.53 41.47
N GLY C 62 9.60 36.37 40.73
CA GLY C 62 10.58 35.37 41.15
C GLY C 62 12.00 35.79 40.80
N LYS C 63 12.96 35.09 41.44
CA LYS C 63 14.36 35.35 41.21
C LYS C 63 14.86 34.33 40.18
N LEU C 64 14.71 34.70 38.91
CA LEU C 64 14.98 33.83 37.76
C LEU C 64 16.44 33.94 37.37
N PRO C 65 17.09 32.84 36.92
CA PRO C 65 18.47 32.92 36.47
C PRO C 65 18.62 33.67 35.13
N ALA C 66 19.55 34.64 35.10
CA ALA C 66 19.71 35.54 33.96
C ALA C 66 20.23 34.80 32.74
N ILE C 67 19.69 35.15 31.57
CA ILE C 67 20.06 34.56 30.30
C ILE C 67 21.45 35.09 29.93
N LYS C 68 22.33 34.22 29.41
CA LYS C 68 23.60 34.66 28.86
C LYS C 68 23.68 34.26 27.38
N VAL C 69 23.71 35.26 26.50
CA VAL C 69 23.68 35.04 25.06
C VAL C 69 25.11 34.90 24.55
N ASN C 70 25.39 33.75 23.95
CA ASN C 70 26.64 33.51 23.27
C ASN C 70 26.30 33.07 21.84
N TYR C 71 25.72 34.00 21.06
CA TYR C 71 25.44 33.79 19.65
C TYR C 71 26.49 34.56 18.85
N LYS C 72 26.64 34.22 17.55
CA LYS C 72 27.59 34.89 16.69
C LYS C 72 27.23 34.63 15.24
N PRO C 73 27.89 35.29 14.26
CA PRO C 73 27.77 34.91 12.86
C PRO C 73 28.05 33.42 12.59
N SER C 74 27.15 32.79 11.81
CA SER C 74 27.28 31.40 11.42
C SER C 74 26.71 31.24 10.01
N MET C 75 26.89 30.06 9.42
CA MET C 75 26.15 29.70 8.22
C MET C 75 24.89 28.97 8.65
N VAL C 76 23.79 29.16 7.91
CA VAL C 76 22.49 28.66 8.30
C VAL C 76 21.81 28.06 7.07
N ASP C 77 20.77 27.27 7.27
CA ASP C 77 19.99 26.68 6.20
C ASP C 77 18.52 27.07 6.38
N VAL C 78 17.99 27.90 5.46
CA VAL C 78 16.65 28.45 5.58
C VAL C 78 15.70 27.54 4.79
N GLU C 79 14.63 27.15 5.46
CA GLU C 79 13.72 26.17 4.91
C GLU C 79 12.28 26.67 5.02
N ASN C 80 11.49 26.43 3.98
CA ASN C 80 10.05 26.39 4.15
C ASN C 80 9.69 24.90 4.33
N ASN C 81 9.06 24.55 5.47
CA ASN C 81 8.69 23.17 5.75
C ASN C 81 7.18 22.95 5.64
N GLY C 82 6.48 23.88 4.97
CA GLY C 82 5.04 23.74 4.74
C GLY C 82 4.17 24.45 5.78
N HIS C 83 4.73 24.80 6.94
CA HIS C 83 3.99 25.44 8.03
C HIS C 83 4.68 26.71 8.53
N THR C 84 6.04 26.70 8.59
CA THR C 84 6.81 27.86 9.03
C THR C 84 8.08 27.95 8.17
N ILE C 85 8.78 29.08 8.38
CA ILE C 85 10.09 29.38 7.82
C ILE C 85 11.04 29.22 8.98
N GLN C 86 12.08 28.39 8.78
CA GLN C 86 12.95 27.90 9.82
C GLN C 86 14.40 28.17 9.42
N VAL C 87 15.21 28.69 10.35
CA VAL C 87 16.62 28.89 10.12
C VAL C 87 17.41 27.90 10.99
N ASN C 88 18.00 26.94 10.29
CA ASN C 88 18.64 25.78 10.89
C ASN C 88 20.13 26.02 11.09
N TYR C 89 20.63 25.55 12.26
CA TYR C 89 22.05 25.59 12.62
C TYR C 89 22.62 24.17 12.53
N PRO C 90 23.33 23.82 11.43
CA PRO C 90 23.98 22.50 11.32
C PRO C 90 25.13 22.23 12.30
N GLU C 91 25.83 23.31 12.71
CA GLU C 91 26.82 23.19 13.77
C GLU C 91 26.43 24.04 14.99
N GLY C 92 27.01 23.66 16.14
CA GLY C 92 26.87 24.39 17.40
C GLY C 92 27.67 25.69 17.41
N GLY C 93 27.98 26.20 18.61
CA GLY C 93 28.68 27.48 18.73
C GLY C 93 27.75 28.69 18.87
N ASN C 94 26.41 28.48 18.75
CA ASN C 94 25.41 29.45 19.17
C ASN C 94 24.74 28.87 20.42
N THR C 95 24.93 29.53 21.57
CA THR C 95 24.41 28.98 22.79
C THR C 95 23.95 30.12 23.70
N LEU C 96 23.13 29.70 24.66
CA LEU C 96 22.62 30.51 25.75
C LEU C 96 23.02 29.80 27.06
N THR C 97 23.37 30.53 28.12
CA THR C 97 23.69 29.88 29.40
C THR C 97 22.72 30.36 30.48
N VAL C 98 22.13 29.41 31.20
CA VAL C 98 21.12 29.77 32.19
C VAL C 98 21.17 28.75 33.33
N ASN C 99 21.41 29.27 34.54
CA ASN C 99 21.46 28.48 35.75
C ASN C 99 22.53 27.40 35.54
N GLY C 100 23.71 27.85 35.08
CA GLY C 100 24.87 27.01 34.89
C GLY C 100 24.67 25.93 33.81
N ARG C 101 23.66 26.07 32.95
CA ARG C 101 23.42 25.04 31.94
C ARG C 101 23.60 25.66 30.56
N THR C 102 24.17 24.88 29.63
CA THR C 102 24.41 25.35 28.27
C THR C 102 23.49 24.60 27.33
N TYR C 103 22.65 25.39 26.64
CA TYR C 103 21.75 24.94 25.59
C TYR C 103 22.26 25.48 24.26
N THR C 104 22.35 24.60 23.25
CA THR C 104 22.78 24.97 21.92
C THR C 104 21.56 25.32 21.07
N LEU C 105 21.64 26.43 20.32
CA LEU C 105 20.59 26.82 19.39
C LEU C 105 20.63 25.91 18.17
N LYS C 106 19.53 25.19 17.92
CA LYS C 106 19.44 24.21 16.85
C LYS C 106 18.68 24.78 15.65
N GLN C 107 17.65 25.59 15.93
CA GLN C 107 16.93 26.31 14.91
C GLN C 107 16.13 27.44 15.57
N PHE C 108 15.72 28.43 14.73
CA PHE C 108 14.64 29.35 15.05
C PHE C 108 13.64 29.43 13.89
N HIS C 109 12.43 29.88 14.21
CA HIS C 109 11.34 29.97 13.25
C HIS C 109 10.24 30.82 13.84
N PHE C 110 9.20 31.08 13.04
CA PHE C 110 8.26 32.16 13.32
C PHE C 110 6.84 31.63 13.16
N HIS C 111 5.93 32.27 13.91
CA HIS C 111 4.50 32.07 13.79
C HIS C 111 3.86 33.44 13.61
N VAL C 112 2.98 33.58 12.60
CA VAL C 112 2.22 34.79 12.35
C VAL C 112 0.76 34.38 12.35
N PRO C 113 -0.11 34.92 13.24
CA PRO C 113 0.32 35.78 14.35
C PRO C 113 1.01 35.01 15.46
N SER C 114 1.35 35.73 16.53
CA SER C 114 1.89 35.13 17.73
C SER C 114 0.97 34.03 18.25
N GLU C 115 1.57 33.13 19.05
CA GLU C 115 0.95 31.96 19.64
C GLU C 115 0.64 32.24 21.11
N ASN C 116 1.70 32.64 21.84
CA ASN C 116 1.61 33.11 23.22
C ASN C 116 1.04 34.53 23.27
N GLN C 117 0.41 34.82 24.43
CA GLN C 117 -0.31 36.05 24.68
C GLN C 117 0.18 36.59 26.02
N ILE C 118 0.19 37.92 26.15
CA ILE C 118 0.39 38.63 27.41
C ILE C 118 -0.94 39.27 27.77
N LYS C 119 -1.48 38.91 28.93
CA LYS C 119 -2.77 39.44 29.36
C LYS C 119 -3.72 39.56 28.16
N GLY C 120 -3.85 38.51 27.35
CA GLY C 120 -4.87 38.45 26.29
C GLY C 120 -4.42 39.07 24.96
N ARG C 121 -3.25 39.70 24.93
CA ARG C 121 -2.82 40.40 23.74
C ARG C 121 -1.99 39.46 22.89
N THR C 122 -2.44 39.31 21.62
CA THR C 122 -1.73 38.59 20.58
C THR C 122 -0.93 39.58 19.72
N PHE C 123 0.29 39.16 19.33
CA PHE C 123 1.19 39.98 18.55
C PHE C 123 1.17 39.57 17.09
N PRO C 124 1.46 40.48 16.13
CA PRO C 124 1.51 40.08 14.72
C PRO C 124 2.57 39.03 14.38
N MET C 125 3.60 38.81 15.21
CA MET C 125 4.57 37.73 14.95
C MET C 125 5.29 37.39 16.23
N GLU C 126 5.75 36.13 16.26
CA GLU C 126 6.50 35.53 17.35
C GLU C 126 7.61 34.67 16.76
N ALA C 127 8.82 34.74 17.34
CA ALA C 127 9.96 33.91 16.97
C ALA C 127 10.34 32.95 18.10
N HIS C 128 10.78 31.76 17.70
CA HIS C 128 11.03 30.68 18.63
C HIS C 128 12.44 30.13 18.40
N PHE C 129 13.31 30.33 19.40
CA PHE C 129 14.70 29.92 19.29
C PHE C 129 14.87 28.63 20.07
N VAL C 130 14.92 27.54 19.30
CA VAL C 130 14.88 26.19 19.84
C VAL C 130 16.29 25.68 20.11
N HIS C 131 16.49 25.21 21.35
CA HIS C 131 17.76 24.80 21.91
C HIS C 131 17.65 23.45 22.61
N LEU C 132 18.81 22.77 22.75
CA LEU C 132 19.01 21.57 23.54
C LEU C 132 20.26 21.74 24.43
N ASP C 133 20.19 21.24 25.67
CA ASP C 133 21.35 20.98 26.52
C ASP C 133 22.04 19.67 26.08
N GLU C 134 23.06 19.23 26.83
CA GLU C 134 23.73 17.95 26.58
C GLU C 134 22.77 16.77 26.85
N ASN C 135 21.83 16.94 27.79
CA ASN C 135 20.83 15.93 28.15
C ASN C 135 19.64 15.89 27.18
N LYS C 136 19.67 16.73 26.13
CA LYS C 136 18.62 16.81 25.13
C LYS C 136 17.31 17.36 25.72
N GLN C 137 17.37 18.15 26.80
CA GLN C 137 16.18 18.75 27.39
C GLN C 137 15.87 20.06 26.63
N PRO C 138 14.71 20.17 25.90
CA PRO C 138 14.45 21.28 25.00
C PRO C 138 14.05 22.58 25.70
N LEU C 139 14.64 23.71 25.25
CA LEU C 139 14.34 25.06 25.74
C LEU C 139 14.05 26.00 24.58
N VAL C 140 12.85 26.59 24.58
CA VAL C 140 12.43 27.58 23.59
C VAL C 140 12.48 28.97 24.20
N LEU C 141 13.26 29.83 23.54
CA LEU C 141 13.34 31.26 23.77
C LEU C 141 12.45 31.93 22.74
N ALA C 142 11.53 32.76 23.21
CA ALA C 142 10.54 33.37 22.32
C ALA C 142 10.69 34.88 22.34
N VAL C 143 10.65 35.46 21.14
CA VAL C 143 10.57 36.90 20.93
C VAL C 143 9.19 37.19 20.36
N LEU C 144 8.58 38.25 20.90
CA LEU C 144 7.31 38.77 20.41
C LEU C 144 7.61 40.07 19.65
N TYR C 145 6.97 40.25 18.48
CA TYR C 145 7.12 41.43 17.63
C TYR C 145 5.86 42.30 17.69
N GLU C 146 5.99 43.57 18.13
CA GLU C 146 4.93 44.59 18.00
C GLU C 146 4.81 45.08 16.55
N ALA C 147 3.59 45.49 16.18
CA ALA C 147 3.33 46.33 15.02
C ALA C 147 4.32 47.50 15.06
N GLY C 148 4.98 47.77 13.94
CA GLY C 148 5.84 48.95 13.87
C GLY C 148 6.63 49.05 12.57
N LYS C 149 7.84 49.63 12.70
CA LYS C 149 8.83 49.75 11.63
C LYS C 149 9.18 48.39 11.03
N THR C 150 9.47 48.37 9.72
CA THR C 150 9.97 47.17 9.10
C THR C 150 11.27 46.76 9.79
N ASN C 151 11.47 45.44 9.94
CA ASN C 151 12.54 44.89 10.77
C ASN C 151 13.76 44.68 9.87
N GLY C 152 14.78 45.50 10.13
CA GLY C 152 16.02 45.53 9.35
C GLY C 152 16.85 44.26 9.51
N ARG C 153 16.98 43.78 10.74
CA ARG C 153 17.84 42.64 11.07
C ARG C 153 17.29 41.31 10.53
N LEU C 154 16.00 41.25 10.14
CA LEU C 154 15.38 40.03 9.60
C LEU C 154 15.37 40.02 8.08
N SER C 155 15.58 41.21 7.46
CA SER C 155 15.52 41.41 6.01
C SER C 155 16.31 40.36 5.25
N SER C 156 17.46 40.00 5.80
CA SER C 156 18.34 38.91 5.37
C SER C 156 17.57 37.61 5.15
N ILE C 157 16.70 37.24 6.12
CA ILE C 157 15.95 35.98 6.10
C ILE C 157 14.79 36.07 5.11
N TRP C 158 14.14 37.25 5.08
CA TRP C 158 12.95 37.50 4.27
C TRP C 158 13.25 37.57 2.77
N ASN C 159 14.49 37.92 2.38
CA ASN C 159 14.83 38.02 0.96
CA ASN C 159 14.84 38.02 0.97
C ASN C 159 15.28 36.66 0.42
N VAL C 160 15.72 35.75 1.30
CA VAL C 160 16.04 34.40 0.84
C VAL C 160 14.91 33.42 1.20
N MET C 161 13.80 33.91 1.77
CA MET C 161 12.73 33.06 2.31
C MET C 161 12.14 32.20 1.19
N PRO C 162 12.37 30.86 1.18
CA PRO C 162 11.84 30.03 0.11
C PRO C 162 10.30 30.03 0.19
N MET C 163 9.65 30.03 -0.98
CA MET C 163 8.21 30.21 -1.07
C MET C 163 7.55 28.86 -1.39
N THR C 164 8.34 27.78 -1.54
CA THR C 164 7.82 26.42 -1.71
C THR C 164 8.59 25.50 -0.75
N ALA C 165 8.39 24.16 -0.79
CA ALA C 165 8.78 23.27 0.30
C ALA C 165 10.26 22.84 0.29
N GLY C 166 11.19 23.76 -0.05
CA GLY C 166 12.61 23.46 -0.15
C GLY C 166 13.49 24.44 0.65
N LYS C 167 14.79 24.40 0.38
CA LYS C 167 15.79 24.99 1.26
C LYS C 167 16.80 25.86 0.50
N VAL C 168 17.40 26.86 1.19
CA VAL C 168 18.54 27.63 0.69
C VAL C 168 19.70 27.61 1.68
N LYS C 169 20.83 27.01 1.27
CA LYS C 169 22.12 27.12 1.95
C LYS C 169 22.70 28.52 1.72
N LEU C 170 23.42 29.09 2.70
CA LEU C 170 23.75 30.51 2.67
C LEU C 170 25.20 30.73 2.19
N ASN C 171 25.39 31.87 1.51
CA ASN C 171 26.69 32.43 1.12
C ASN C 171 27.11 33.51 2.10
N GLN C 172 26.14 34.37 2.46
CA GLN C 172 26.23 35.23 3.64
C GLN C 172 25.71 34.48 4.87
N PRO C 173 25.99 35.00 6.08
CA PRO C 173 25.68 34.28 7.30
C PRO C 173 24.32 34.63 7.91
N PHE C 174 24.13 34.31 9.19
CA PHE C 174 23.23 35.09 10.05
C PHE C 174 23.85 35.21 11.44
N ASP C 175 23.63 36.38 12.02
CA ASP C 175 24.01 36.70 13.39
C ASP C 175 22.72 36.83 14.18
N ALA C 176 22.39 35.77 14.94
CA ALA C 176 21.12 35.62 15.63
C ALA C 176 21.01 36.58 16.83
N SER C 177 22.18 37.07 17.29
CA SER C 177 22.24 37.93 18.45
C SER C 177 21.59 39.28 18.15
N THR C 178 21.64 39.67 16.87
CA THR C 178 20.90 40.81 16.34
C THR C 178 19.40 40.68 16.62
N LEU C 179 18.88 39.45 16.86
CA LEU C 179 17.43 39.24 16.99
C LEU C 179 16.95 39.24 18.43
N LEU C 180 17.88 39.16 19.38
CA LEU C 180 17.56 39.19 20.80
C LEU C 180 17.81 40.59 21.36
N PRO C 181 16.97 41.03 22.34
CA PRO C 181 17.15 42.34 22.97
C PRO C 181 18.30 42.43 23.98
N LYS C 182 18.88 43.63 24.08
CA LYS C 182 19.79 44.04 25.15
C LYS C 182 19.27 43.65 26.54
N ARG C 183 17.94 43.76 26.76
CA ARG C 183 17.31 43.45 28.03
C ARG C 183 16.60 42.10 27.97
N LEU C 184 17.02 41.19 28.85
CA LEU C 184 16.80 39.75 28.72
C LEU C 184 15.97 39.24 29.89
N LYS C 185 15.00 40.07 30.31
CA LYS C 185 13.95 39.71 31.26
C LYS C 185 12.94 38.83 30.54
N TYR C 186 12.40 37.82 31.26
CA TYR C 186 11.60 36.77 30.65
C TYR C 186 10.59 36.14 31.62
N TYR C 187 9.46 35.75 31.04
CA TYR C 187 8.53 34.87 31.74
C TYR C 187 9.03 33.44 31.58
N ARG C 188 8.87 32.63 32.63
CA ARG C 188 9.34 31.25 32.63
C ARG C 188 8.18 30.33 32.97
N PHE C 189 8.03 29.28 32.14
CA PHE C 189 7.06 28.24 32.37
C PHE C 189 7.47 26.97 31.61
N ALA C 190 6.93 25.85 32.07
CA ALA C 190 7.08 24.56 31.43
C ALA C 190 5.85 24.30 30.54
N GLY C 191 6.08 23.65 29.40
CA GLY C 191 5.12 23.64 28.31
C GLY C 191 5.45 22.56 27.30
N SER C 192 5.00 22.75 26.05
CA SER C 192 5.10 21.75 25.00
C SER C 192 5.62 22.36 23.71
N LEU C 193 5.79 21.49 22.72
CA LEU C 193 5.77 21.88 21.32
C LEU C 193 4.38 22.44 20.99
N THR C 194 4.34 23.45 20.11
CA THR C 194 3.08 24.03 19.66
C THR C 194 2.66 23.41 18.33
N THR C 195 3.35 22.33 17.96
CA THR C 195 3.05 21.56 16.77
C THR C 195 3.08 20.07 17.10
N PRO C 196 2.32 19.22 16.38
CA PRO C 196 2.29 17.79 16.65
C PRO C 196 3.71 17.22 16.51
N PRO C 197 4.16 16.29 17.38
CA PRO C 197 3.27 15.58 18.33
C PRO C 197 3.00 16.23 19.69
N CYS C 198 3.29 17.54 19.82
CA CYS C 198 2.94 18.32 21.00
C CYS C 198 3.69 17.83 22.23
N THR C 199 4.94 17.39 22.04
CA THR C 199 5.77 16.81 23.08
C THR C 199 5.84 17.74 24.28
N GLU C 200 5.68 17.19 25.49
CA GLU C 200 5.80 17.99 26.70
C GLU C 200 7.24 17.86 27.19
N GLY C 201 7.54 18.50 28.31
CA GLY C 201 8.90 18.56 28.84
C GLY C 201 9.74 19.72 28.29
N VAL C 202 9.09 20.74 27.72
CA VAL C 202 9.77 21.86 27.06
C VAL C 202 9.83 23.06 28.01
N SER C 203 11.03 23.65 28.15
CA SER C 203 11.18 24.89 28.92
C SER C 203 10.81 26.11 28.06
N TRP C 204 9.93 27.00 28.55
CA TRP C 204 9.56 28.19 27.80
C TRP C 204 10.03 29.46 28.51
N LEU C 205 10.86 30.25 27.80
CA LEU C 205 11.35 31.53 28.28
C LEU C 205 10.87 32.58 27.28
N VAL C 206 9.90 33.38 27.67
CA VAL C 206 9.35 34.39 26.79
C VAL C 206 9.88 35.74 27.25
N LEU C 207 10.55 36.43 26.32
CA LEU C 207 11.28 37.65 26.61
C LEU C 207 10.31 38.80 26.75
N LYS C 208 10.49 39.57 27.83
CA LYS C 208 9.61 40.67 28.13
C LYS C 208 9.74 41.79 27.10
N THR C 209 10.95 41.98 26.55
CA THR C 209 11.19 43.07 25.62
C THR C 209 10.82 42.63 24.20
N TYR C 210 9.96 43.47 23.55
CA TYR C 210 9.38 43.18 22.25
C TYR C 210 10.16 43.85 21.12
N ASP C 211 10.25 43.15 19.98
CA ASP C 211 10.79 43.71 18.73
C ASP C 211 9.63 44.34 17.95
N HIS C 212 9.89 44.59 16.66
CA HIS C 212 8.93 45.21 15.75
C HIS C 212 9.02 44.55 14.39
N ILE C 213 7.85 44.38 13.76
CA ILE C 213 7.70 44.05 12.36
C ILE C 213 6.59 44.94 11.88
N ASP C 214 6.57 45.13 10.56
CA ASP C 214 5.47 45.77 9.87
C ASP C 214 4.70 44.67 9.16
N GLN C 215 3.64 45.11 8.48
CA GLN C 215 2.58 44.27 7.97
C GLN C 215 3.05 43.54 6.71
N ALA C 216 3.80 44.23 5.85
CA ALA C 216 4.24 43.64 4.58
C ALA C 216 5.05 42.37 4.85
N GLN C 217 5.87 42.39 5.90
CA GLN C 217 6.74 41.29 6.27
C GLN C 217 5.91 40.13 6.82
N ALA C 218 4.96 40.45 7.70
CA ALA C 218 3.98 39.50 8.18
C ALA C 218 3.23 38.80 7.03
N GLU C 219 2.80 39.56 6.01
CA GLU C 219 1.98 39.02 4.93
C GLU C 219 2.85 38.16 4.02
N LYS C 220 4.16 38.43 4.02
CA LYS C 220 5.08 37.69 3.18
C LYS C 220 5.28 36.27 3.73
N PHE C 221 5.51 36.19 5.04
CA PHE C 221 5.62 34.92 5.75
C PHE C 221 4.35 34.09 5.52
N THR C 222 3.19 34.72 5.73
CA THR C 222 1.92 34.04 5.48
C THR C 222 1.83 33.63 4.02
N ARG C 223 2.34 34.46 3.08
CA ARG C 223 2.34 34.12 1.67
C ARG C 223 3.17 32.85 1.41
N ALA C 224 4.41 32.82 1.91
CA ALA C 224 5.35 31.74 1.70
C ALA C 224 4.79 30.43 2.23
N VAL C 225 4.27 30.49 3.45
CA VAL C 225 3.88 29.32 4.20
C VAL C 225 2.44 28.93 3.86
N GLY C 226 1.54 29.88 3.61
CA GLY C 226 0.23 29.55 3.05
C GLY C 226 -0.92 29.83 4.02
N SER C 227 -0.62 29.92 5.32
CA SER C 227 -1.67 30.15 6.29
C SER C 227 -1.09 30.72 7.57
N GLU C 228 -1.97 31.28 8.41
CA GLU C 228 -1.64 31.58 9.79
C GLU C 228 -1.27 30.28 10.50
N ASN C 229 -0.17 30.28 11.25
CA ASN C 229 0.31 29.06 11.90
C ASN C 229 0.38 29.25 13.43
N ASN C 230 -0.66 29.89 14.00
CA ASN C 230 -0.79 30.11 15.43
C ASN C 230 -1.76 29.07 16.03
N ARG C 231 -1.22 28.17 16.85
CA ARG C 231 -2.01 27.26 17.68
C ARG C 231 -2.78 28.05 18.74
N PRO C 232 -4.09 27.80 18.97
CA PRO C 232 -4.82 28.39 20.09
C PRO C 232 -4.05 28.25 21.40
N VAL C 233 -4.37 29.11 22.37
CA VAL C 233 -3.72 29.04 23.67
C VAL C 233 -4.33 27.87 24.44
N GLN C 234 -3.54 27.32 25.36
CA GLN C 234 -3.93 26.12 26.07
C GLN C 234 -4.03 26.55 27.53
N PRO C 235 -4.96 25.93 28.31
CA PRO C 235 -5.02 26.24 29.75
C PRO C 235 -3.72 25.86 30.46
N LEU C 236 -3.37 26.69 31.46
CA LEU C 236 -2.19 26.54 32.29
C LEU C 236 -2.36 25.41 33.30
N ASN C 237 -3.60 25.13 33.70
CA ASN C 237 -3.94 24.03 34.63
C ASN C 237 -3.17 24.18 35.93
N ALA C 238 -2.28 23.22 36.27
CA ALA C 238 -1.52 23.32 37.51
C ALA C 238 -0.37 24.33 37.43
N ARG C 239 0.04 24.72 36.22
CA ARG C 239 1.31 25.41 35.97
C ARG C 239 1.24 26.86 36.46
N VAL C 240 2.40 27.39 36.91
CA VAL C 240 2.61 28.76 37.38
C VAL C 240 3.64 29.45 36.47
N VAL C 241 3.38 30.71 36.12
CA VAL C 241 4.32 31.50 35.35
C VAL C 241 5.03 32.51 36.25
N ILE C 242 6.37 32.47 36.16
CA ILE C 242 7.29 33.27 36.94
C ILE C 242 7.67 34.52 36.14
N GLU C 243 7.52 35.70 36.74
CA GLU C 243 7.89 36.95 36.08
C GLU C 243 9.13 37.50 36.78
N THR D 22 -32.50 -17.67 -29.61
CA THR D 22 -31.44 -18.70 -29.44
C THR D 22 -30.58 -18.40 -28.22
N HIS D 23 -29.93 -19.44 -27.71
CA HIS D 23 -29.04 -19.38 -26.56
C HIS D 23 -27.92 -18.41 -26.86
N TRP D 24 -27.31 -17.87 -25.80
CA TRP D 24 -26.06 -17.12 -25.89
C TRP D 24 -25.49 -17.09 -24.48
N GLY D 25 -24.17 -17.17 -24.33
CA GLY D 25 -23.65 -17.20 -22.98
C GLY D 25 -22.20 -16.73 -22.91
N TYR D 26 -21.62 -16.97 -21.75
CA TYR D 26 -20.29 -16.50 -21.43
C TYR D 26 -19.28 -17.64 -21.58
N THR D 27 -19.75 -18.88 -21.83
CA THR D 27 -18.86 -20.05 -21.89
C THR D 27 -19.20 -21.01 -23.04
N GLY D 28 -18.16 -21.67 -23.59
CA GLY D 28 -18.35 -22.71 -24.59
C GLY D 28 -18.47 -22.11 -25.99
N HIS D 29 -18.92 -22.93 -26.96
CA HIS D 29 -19.06 -22.51 -28.35
C HIS D 29 -20.23 -21.51 -28.45
N ASP D 30 -20.44 -20.81 -27.32
CA ASP D 30 -21.60 -20.00 -27.05
C ASP D 30 -21.16 -18.62 -26.58
N SER D 31 -19.82 -18.45 -26.44
CA SER D 31 -19.20 -17.38 -25.66
C SER D 31 -19.21 -16.09 -26.47
N PRO D 32 -18.75 -14.94 -25.89
CA PRO D 32 -18.86 -13.62 -26.54
C PRO D 32 -18.14 -13.43 -27.87
N GLU D 33 -17.07 -14.19 -28.12
CA GLU D 33 -16.37 -14.20 -29.40
C GLU D 33 -17.18 -14.94 -30.49
N SER D 34 -18.17 -15.74 -30.11
CA SER D 34 -18.97 -16.50 -31.08
C SER D 34 -20.36 -15.90 -31.25
N TRP D 35 -20.67 -14.75 -30.64
CA TRP D 35 -22.03 -14.22 -30.58
C TRP D 35 -22.59 -13.79 -31.94
N GLY D 36 -21.73 -13.26 -32.83
CA GLY D 36 -22.17 -12.75 -34.14
C GLY D 36 -22.47 -13.86 -35.15
N ASN D 37 -21.95 -15.06 -34.86
CA ASN D 37 -22.21 -16.27 -35.64
C ASN D 37 -23.57 -16.89 -35.24
N LEU D 38 -23.89 -16.97 -33.93
CA LEU D 38 -25.03 -17.72 -33.41
C LEU D 38 -26.33 -17.42 -34.18
N SER D 39 -26.40 -16.26 -34.85
CA SER D 39 -27.47 -16.04 -35.80
C SER D 39 -27.19 -14.82 -36.68
N GLU D 40 -28.13 -14.61 -37.62
CA GLU D 40 -28.19 -13.44 -38.48
C GLU D 40 -28.27 -12.15 -37.67
N GLU D 41 -29.03 -12.16 -36.56
CA GLU D 41 -29.47 -10.95 -35.87
C GLU D 41 -28.51 -10.52 -34.75
N PHE D 42 -27.42 -11.28 -34.54
CA PHE D 42 -26.41 -10.94 -33.56
C PHE D 42 -25.14 -10.43 -34.25
N ARG D 43 -25.23 -10.17 -35.55
CA ARG D 43 -24.08 -9.98 -36.41
C ARG D 43 -23.24 -8.78 -35.95
N LEU D 44 -23.93 -7.75 -35.43
CA LEU D 44 -23.25 -6.53 -35.04
C LEU D 44 -22.19 -6.82 -33.98
N CYS D 45 -22.37 -7.92 -33.22
CA CYS D 45 -21.49 -8.27 -32.11
C CYS D 45 -20.07 -8.52 -32.60
N SER D 46 -19.89 -8.83 -33.90
CA SER D 46 -18.59 -9.00 -34.53
C SER D 46 -18.18 -7.81 -35.41
N THR D 47 -19.13 -7.24 -36.18
CA THR D 47 -18.82 -6.24 -37.21
C THR D 47 -18.80 -4.83 -36.64
N GLY D 48 -19.41 -4.63 -35.47
CA GLY D 48 -19.59 -3.29 -34.93
C GLY D 48 -18.27 -2.62 -34.62
N LYS D 49 -18.18 -1.29 -34.78
CA LYS D 49 -16.96 -0.54 -34.52
C LYS D 49 -17.16 0.42 -33.34
N ASN D 50 -18.36 0.43 -32.75
CA ASN D 50 -18.64 1.29 -31.61
C ASN D 50 -19.21 0.41 -30.49
N GLN D 51 -18.47 -0.69 -30.21
CA GLN D 51 -18.89 -1.71 -29.27
C GLN D 51 -18.47 -1.33 -27.84
N SER D 52 -19.22 -1.89 -26.88
CA SER D 52 -18.93 -1.78 -25.47
C SER D 52 -18.69 -3.19 -24.93
N PRO D 53 -17.91 -3.40 -23.84
CA PRO D 53 -17.25 -2.31 -23.12
C PRO D 53 -15.91 -1.89 -23.75
N VAL D 54 -15.27 -0.88 -23.16
CA VAL D 54 -13.96 -0.44 -23.60
C VAL D 54 -13.05 -0.32 -22.39
N ASN D 55 -11.76 -0.09 -22.69
CA ASN D 55 -10.73 0.23 -21.72
C ASN D 55 -10.43 1.73 -21.80
N ILE D 56 -10.63 2.46 -20.71
CA ILE D 56 -10.54 3.93 -20.79
C ILE D 56 -9.14 4.39 -20.40
N THR D 57 -8.27 4.58 -21.41
CA THR D 57 -6.90 5.05 -21.17
C THR D 57 -6.83 6.56 -21.31
N GLU D 58 -6.39 7.05 -22.48
CA GLU D 58 -6.50 8.46 -22.88
C GLU D 58 -7.93 8.96 -22.95
N THR D 59 -8.12 10.25 -22.66
CA THR D 59 -9.43 10.89 -22.67
C THR D 59 -9.26 12.35 -23.09
N VAL D 60 -10.36 12.98 -23.54
CA VAL D 60 -10.36 14.41 -23.80
C VAL D 60 -11.12 15.11 -22.69
N SER D 61 -10.57 16.20 -22.16
CA SER D 61 -11.24 16.97 -21.11
C SER D 61 -12.32 17.86 -21.73
N GLY D 62 -13.57 17.62 -21.34
CA GLY D 62 -14.66 18.49 -21.72
C GLY D 62 -15.46 18.99 -20.51
N LYS D 63 -16.12 20.13 -20.72
CA LYS D 63 -17.17 20.63 -19.84
C LYS D 63 -18.44 19.84 -20.09
N LEU D 64 -18.54 18.67 -19.44
CA LEU D 64 -19.68 17.77 -19.54
C LEU D 64 -20.89 18.31 -18.78
N PRO D 65 -22.13 18.14 -19.31
CA PRO D 65 -23.35 18.56 -18.61
C PRO D 65 -23.60 17.66 -17.39
N ALA D 66 -23.91 18.31 -16.25
CA ALA D 66 -23.96 17.65 -14.97
C ALA D 66 -25.26 16.83 -14.94
N ILE D 67 -25.14 15.58 -14.47
CA ILE D 67 -26.24 14.62 -14.38
C ILE D 67 -27.19 15.05 -13.25
N LYS D 68 -28.50 15.18 -13.51
CA LYS D 68 -29.44 15.30 -12.41
C LYS D 68 -30.17 13.96 -12.17
N VAL D 69 -29.99 13.38 -10.97
CA VAL D 69 -30.53 12.07 -10.65
C VAL D 69 -31.75 12.26 -9.78
N ASN D 70 -32.86 11.69 -10.28
CA ASN D 70 -34.18 11.79 -9.68
C ASN D 70 -34.66 10.36 -9.43
N TYR D 71 -33.91 9.61 -8.60
CA TYR D 71 -34.30 8.28 -8.16
C TYR D 71 -35.02 8.39 -6.80
N LYS D 72 -35.82 7.36 -6.47
CA LYS D 72 -36.65 7.37 -5.27
C LYS D 72 -37.05 5.93 -4.91
N PRO D 73 -37.64 5.69 -3.70
CA PRO D 73 -38.06 4.34 -3.30
C PRO D 73 -39.18 3.83 -4.19
N SER D 74 -39.01 2.60 -4.72
CA SER D 74 -39.88 2.08 -5.74
C SER D 74 -40.13 0.59 -5.51
N MET D 75 -41.31 0.14 -5.93
CA MET D 75 -41.65 -1.26 -5.87
C MET D 75 -40.94 -1.97 -7.02
N VAL D 76 -39.90 -2.73 -6.68
CA VAL D 76 -39.05 -3.42 -7.65
C VAL D 76 -39.05 -4.91 -7.29
N ASP D 77 -38.81 -5.73 -8.32
CA ASP D 77 -38.48 -7.15 -8.18
C ASP D 77 -37.04 -7.40 -8.63
N VAL D 78 -36.33 -8.28 -7.89
CA VAL D 78 -35.03 -8.80 -8.32
C VAL D 78 -35.29 -10.07 -9.13
N GLU D 79 -34.48 -10.30 -10.17
CA GLU D 79 -34.69 -11.35 -11.14
C GLU D 79 -33.35 -11.97 -11.58
N ASN D 80 -33.32 -13.29 -11.69
CA ASN D 80 -32.19 -14.01 -12.24
C ASN D 80 -32.66 -14.52 -13.60
N ASN D 81 -32.13 -13.93 -14.70
CA ASN D 81 -32.59 -14.25 -16.05
C ASN D 81 -31.63 -15.21 -16.78
N GLY D 82 -30.72 -15.86 -16.05
CA GLY D 82 -29.75 -16.80 -16.62
C GLY D 82 -28.37 -16.18 -16.85
N HIS D 83 -28.33 -14.83 -17.01
CA HIS D 83 -27.17 -14.10 -17.53
C HIS D 83 -26.72 -13.03 -16.54
N THR D 84 -27.64 -12.56 -15.68
CA THR D 84 -27.36 -11.55 -14.68
C THR D 84 -28.50 -11.50 -13.67
N ILE D 85 -28.20 -10.92 -12.49
CA ILE D 85 -29.20 -10.52 -11.50
C ILE D 85 -29.53 -9.04 -11.73
N GLN D 86 -30.83 -8.78 -11.92
CA GLN D 86 -31.35 -7.55 -12.47
C GLN D 86 -32.48 -7.03 -11.59
N VAL D 87 -32.47 -5.72 -11.35
CA VAL D 87 -33.56 -5.07 -10.64
C VAL D 87 -34.41 -4.31 -11.64
N ASN D 88 -35.60 -4.88 -11.88
CA ASN D 88 -36.55 -4.36 -12.86
C ASN D 88 -37.35 -3.23 -12.22
N TYR D 89 -37.75 -2.24 -13.05
CA TYR D 89 -38.63 -1.14 -12.66
C TYR D 89 -39.92 -1.20 -13.50
N PRO D 90 -40.96 -1.92 -13.02
CA PRO D 90 -42.28 -1.94 -13.68
C PRO D 90 -42.92 -0.60 -14.03
N GLU D 91 -42.54 0.48 -13.31
CA GLU D 91 -43.14 1.77 -13.57
C GLU D 91 -42.05 2.84 -13.69
N GLY D 92 -42.38 3.94 -14.40
CA GLY D 92 -41.46 5.05 -14.53
C GLY D 92 -41.36 5.79 -13.20
N GLY D 93 -40.77 6.98 -13.22
CA GLY D 93 -40.65 7.79 -12.01
C GLY D 93 -39.26 7.78 -11.39
N ASN D 94 -38.35 6.91 -11.88
CA ASN D 94 -36.93 6.99 -11.55
C ASN D 94 -36.22 7.49 -12.82
N THR D 95 -35.76 8.75 -12.77
CA THR D 95 -35.24 9.43 -13.94
C THR D 95 -33.80 9.87 -13.75
N LEU D 96 -33.13 10.06 -14.88
CA LEU D 96 -31.84 10.71 -14.99
C LEU D 96 -32.03 11.87 -15.96
N THR D 97 -31.63 13.09 -15.56
CA THR D 97 -31.70 14.23 -16.47
C THR D 97 -30.30 14.71 -16.82
N VAL D 98 -30.04 14.91 -18.13
CA VAL D 98 -28.71 15.20 -18.66
C VAL D 98 -28.89 15.93 -20.00
N ASN D 99 -28.24 17.10 -20.15
CA ASN D 99 -28.41 17.98 -21.30
C ASN D 99 -29.89 18.29 -21.57
N GLY D 100 -30.72 18.38 -20.52
CA GLY D 100 -32.12 18.74 -20.69
C GLY D 100 -33.05 17.60 -21.10
N ARG D 101 -32.50 16.39 -21.39
CA ARG D 101 -33.31 15.24 -21.73
C ARG D 101 -33.57 14.37 -20.48
N THR D 102 -34.77 13.78 -20.42
CA THR D 102 -35.16 12.94 -19.31
C THR D 102 -35.06 11.47 -19.72
N TYR D 103 -34.23 10.72 -19.01
CA TYR D 103 -34.12 9.28 -19.27
C TYR D 103 -34.78 8.50 -18.14
N THR D 104 -35.60 7.51 -18.50
CA THR D 104 -36.34 6.77 -17.49
C THR D 104 -35.60 5.49 -17.20
N LEU D 105 -35.29 5.25 -15.92
CA LEU D 105 -34.60 4.03 -15.50
C LEU D 105 -35.60 2.88 -15.59
N LYS D 106 -35.19 1.85 -16.36
CA LYS D 106 -35.97 0.66 -16.67
C LYS D 106 -35.56 -0.51 -15.76
N GLN D 107 -34.28 -0.58 -15.39
CA GLN D 107 -33.73 -1.69 -14.61
C GLN D 107 -32.27 -1.38 -14.32
N PHE D 108 -31.68 -2.04 -13.30
CA PHE D 108 -30.23 -2.06 -13.20
C PHE D 108 -29.76 -3.49 -12.95
N HIS D 109 -28.53 -3.78 -13.34
CA HIS D 109 -28.02 -5.16 -13.27
C HIS D 109 -26.51 -5.13 -13.14
N PHE D 110 -25.94 -6.32 -12.89
CA PHE D 110 -24.57 -6.40 -12.46
C PHE D 110 -23.77 -7.30 -13.40
N HIS D 111 -22.44 -7.09 -13.31
CA HIS D 111 -21.43 -7.90 -13.97
C HIS D 111 -20.30 -8.18 -12.98
N VAL D 112 -20.00 -9.49 -12.85
CA VAL D 112 -18.88 -9.95 -12.05
C VAL D 112 -17.96 -10.77 -12.99
N PRO D 113 -16.69 -10.34 -13.23
CA PRO D 113 -16.15 -9.04 -12.81
C PRO D 113 -16.57 -7.92 -13.76
N SER D 114 -15.97 -6.74 -13.65
CA SER D 114 -16.39 -5.60 -14.46
C SER D 114 -16.10 -5.84 -15.94
N GLU D 115 -17.02 -5.33 -16.77
CA GLU D 115 -16.87 -5.24 -18.21
C GLU D 115 -15.89 -4.11 -18.58
N ASN D 116 -16.23 -2.86 -18.24
CA ASN D 116 -15.37 -1.71 -18.49
C ASN D 116 -14.18 -1.72 -17.52
N GLN D 117 -13.04 -1.19 -18.01
CA GLN D 117 -11.76 -1.13 -17.31
C GLN D 117 -11.20 0.29 -17.36
N ILE D 118 -10.41 0.68 -16.35
CA ILE D 118 -9.72 1.96 -16.33
C ILE D 118 -8.21 1.70 -16.36
N LYS D 119 -7.60 1.90 -17.55
CA LYS D 119 -6.17 1.73 -17.82
C LYS D 119 -5.76 0.29 -17.56
N GLY D 120 -6.51 -0.67 -18.11
CA GLY D 120 -6.20 -2.08 -17.96
C GLY D 120 -6.77 -2.70 -16.68
N ARG D 121 -7.32 -1.90 -15.77
CA ARG D 121 -7.76 -2.40 -14.48
C ARG D 121 -9.19 -2.93 -14.59
N THR D 122 -9.35 -4.22 -14.27
CA THR D 122 -10.64 -4.88 -14.08
C THR D 122 -11.08 -4.74 -12.63
N PHE D 123 -12.37 -4.44 -12.47
CA PHE D 123 -12.95 -4.18 -11.15
C PHE D 123 -13.72 -5.43 -10.76
N PRO D 124 -13.82 -5.75 -9.45
CA PRO D 124 -14.57 -6.93 -9.01
C PRO D 124 -16.08 -6.90 -9.30
N MET D 125 -16.66 -5.71 -9.48
CA MET D 125 -18.04 -5.61 -9.92
C MET D 125 -18.27 -4.31 -10.71
N GLU D 126 -19.26 -4.35 -11.62
CA GLU D 126 -19.77 -3.17 -12.30
C GLU D 126 -21.29 -3.23 -12.25
N ALA D 127 -21.90 -2.06 -11.98
CA ALA D 127 -23.35 -1.85 -12.06
C ALA D 127 -23.70 -1.09 -13.35
N HIS D 128 -24.75 -1.55 -14.03
CA HIS D 128 -25.29 -0.89 -15.21
C HIS D 128 -26.69 -0.38 -14.89
N PHE D 129 -26.89 0.95 -14.98
CA PHE D 129 -28.22 1.54 -14.84
C PHE D 129 -28.70 1.96 -16.25
N VAL D 130 -29.74 1.25 -16.73
CA VAL D 130 -30.22 1.30 -18.09
C VAL D 130 -31.46 2.20 -18.17
N HIS D 131 -31.51 3.07 -19.19
CA HIS D 131 -32.49 4.14 -19.34
C HIS D 131 -32.84 4.30 -20.82
N LEU D 132 -34.10 4.66 -21.07
CA LEU D 132 -34.55 5.18 -22.35
C LEU D 132 -35.21 6.54 -22.12
N ASP D 133 -35.05 7.48 -23.06
CA ASP D 133 -35.82 8.72 -23.11
C ASP D 133 -37.08 8.45 -23.95
N GLU D 134 -37.93 9.46 -24.14
CA GLU D 134 -39.19 9.29 -24.86
C GLU D 134 -38.93 8.90 -26.32
N ASN D 135 -37.84 9.42 -26.93
CA ASN D 135 -37.46 9.05 -28.29
C ASN D 135 -37.08 7.57 -28.36
N LYS D 136 -36.71 7.00 -27.20
CA LYS D 136 -36.15 5.67 -27.05
C LYS D 136 -34.63 5.71 -27.26
N GLN D 137 -33.94 6.73 -26.73
CA GLN D 137 -32.48 6.75 -26.76
C GLN D 137 -31.93 6.08 -25.51
N PRO D 138 -31.21 4.94 -25.67
CA PRO D 138 -30.60 4.25 -24.54
C PRO D 138 -29.42 5.00 -23.90
N LEU D 139 -29.42 5.00 -22.56
CA LEU D 139 -28.34 5.55 -21.77
C LEU D 139 -28.05 4.66 -20.56
N VAL D 140 -26.79 4.19 -20.51
CA VAL D 140 -26.29 3.36 -19.44
C VAL D 140 -25.35 4.20 -18.61
N LEU D 141 -25.67 4.32 -17.31
CA LEU D 141 -24.82 4.87 -16.29
C LEU D 141 -24.19 3.71 -15.49
N ALA D 142 -22.86 3.67 -15.43
CA ALA D 142 -22.14 2.54 -14.84
C ALA D 142 -21.47 2.98 -13.55
N VAL D 143 -21.50 2.11 -12.53
CA VAL D 143 -20.72 2.27 -11.29
C VAL D 143 -19.69 1.15 -11.18
N LEU D 144 -18.43 1.52 -10.93
CA LEU D 144 -17.37 0.53 -10.77
C LEU D 144 -17.13 0.30 -9.29
N TYR D 145 -16.99 -0.97 -8.91
CA TYR D 145 -16.80 -1.34 -7.51
C TYR D 145 -15.38 -1.90 -7.33
N GLU D 146 -14.55 -1.18 -6.56
CA GLU D 146 -13.30 -1.73 -6.01
C GLU D 146 -13.59 -2.88 -5.03
N ALA D 147 -12.55 -3.65 -4.72
CA ALA D 147 -12.62 -4.64 -3.64
C ALA D 147 -12.52 -3.93 -2.29
N GLY D 148 -13.46 -4.19 -1.39
CA GLY D 148 -13.38 -3.66 -0.03
C GLY D 148 -14.42 -4.28 0.92
N LYS D 149 -14.87 -3.48 1.89
CA LYS D 149 -15.84 -3.92 2.88
C LYS D 149 -17.12 -4.37 2.19
N THR D 150 -17.94 -5.16 2.89
CA THR D 150 -19.28 -5.48 2.43
C THR D 150 -20.04 -4.21 2.07
N ASN D 151 -20.74 -4.25 0.94
CA ASN D 151 -21.60 -3.16 0.51
C ASN D 151 -22.97 -3.34 1.19
N GLY D 152 -23.27 -2.42 2.12
CA GLY D 152 -24.49 -2.51 2.92
C GLY D 152 -25.76 -2.12 2.16
N ARG D 153 -25.65 -1.17 1.21
CA ARG D 153 -26.81 -0.75 0.44
C ARG D 153 -27.23 -1.84 -0.55
N LEU D 154 -26.30 -2.75 -0.89
CA LEU D 154 -26.55 -3.85 -1.81
C LEU D 154 -27.12 -5.06 -1.06
N SER D 155 -27.07 -5.05 0.27
CA SER D 155 -27.38 -6.27 1.02
C SER D 155 -28.87 -6.54 0.95
N SER D 156 -29.67 -5.46 0.84
CA SER D 156 -31.09 -5.56 0.53
C SER D 156 -31.30 -6.53 -0.64
N ILE D 157 -30.64 -6.25 -1.77
CA ILE D 157 -30.74 -7.02 -3.02
C ILE D 157 -30.19 -8.43 -2.80
N TRP D 158 -28.96 -8.52 -2.29
CA TRP D 158 -28.21 -9.76 -2.18
C TRP D 158 -28.98 -10.80 -1.38
N ASN D 159 -29.61 -10.38 -0.27
CA ASN D 159 -30.20 -11.28 0.70
CA ASN D 159 -30.17 -11.31 0.70
C ASN D 159 -31.33 -12.09 0.05
N VAL D 160 -32.03 -11.49 -0.94
CA VAL D 160 -33.20 -12.11 -1.55
C VAL D 160 -32.88 -12.62 -2.96
N MET D 161 -31.60 -12.57 -3.35
CA MET D 161 -31.12 -12.81 -4.69
C MET D 161 -31.57 -14.19 -5.14
N PRO D 162 -32.36 -14.35 -6.25
CA PRO D 162 -32.69 -15.66 -6.80
C PRO D 162 -31.47 -16.41 -7.33
N MET D 163 -31.34 -17.66 -6.92
CA MET D 163 -30.09 -18.39 -7.08
C MET D 163 -30.15 -19.20 -8.36
N THR D 164 -31.35 -19.22 -8.95
CA THR D 164 -31.64 -19.77 -10.26
C THR D 164 -32.75 -18.96 -10.90
N ALA D 165 -33.04 -19.29 -12.17
CA ALA D 165 -34.09 -18.69 -12.96
C ALA D 165 -35.31 -18.37 -12.09
N GLY D 166 -35.55 -17.08 -11.84
CA GLY D 166 -36.73 -16.71 -11.08
C GLY D 166 -36.79 -15.22 -10.80
N LYS D 167 -37.88 -14.82 -10.13
CA LYS D 167 -38.16 -13.42 -9.86
C LYS D 167 -38.77 -13.33 -8.47
N VAL D 168 -38.20 -12.48 -7.59
CA VAL D 168 -38.84 -12.08 -6.33
C VAL D 168 -39.10 -10.56 -6.31
N LYS D 169 -40.24 -10.15 -5.71
CA LYS D 169 -40.53 -8.76 -5.39
C LYS D 169 -39.83 -8.39 -4.09
N LEU D 170 -38.99 -7.35 -4.11
CA LEU D 170 -38.28 -6.87 -2.92
C LEU D 170 -39.31 -6.25 -1.96
N ASN D 171 -39.17 -6.49 -0.64
CA ASN D 171 -40.28 -6.28 0.30
C ASN D 171 -40.57 -4.78 0.45
N GLN D 172 -39.77 -4.06 1.25
CA GLN D 172 -39.88 -2.61 1.32
C GLN D 172 -39.42 -2.02 -0.01
N PRO D 173 -39.93 -0.83 -0.42
CA PRO D 173 -39.51 -0.17 -1.66
C PRO D 173 -38.04 0.27 -1.66
N PHE D 174 -37.36 0.03 -2.78
CA PHE D 174 -35.93 0.28 -2.91
C PHE D 174 -35.66 1.61 -3.59
N ASP D 175 -34.67 2.35 -3.02
CA ASP D 175 -34.17 3.64 -3.48
C ASP D 175 -32.77 3.51 -4.10
N ALA D 176 -32.65 3.64 -5.43
CA ALA D 176 -31.39 3.46 -6.15
C ALA D 176 -30.39 4.63 -6.03
N SER D 177 -30.79 5.75 -5.39
CA SER D 177 -29.89 6.87 -5.04
C SER D 177 -28.77 6.38 -4.12
N THR D 178 -29.07 5.33 -3.35
CA THR D 178 -28.15 4.77 -2.38
C THR D 178 -26.98 4.10 -3.08
N LEU D 179 -27.19 3.68 -4.35
CA LEU D 179 -26.16 2.97 -5.08
C LEU D 179 -25.29 3.94 -5.90
N LEU D 180 -25.63 5.23 -5.85
CA LEU D 180 -24.90 6.24 -6.62
C LEU D 180 -24.03 7.10 -5.71
N PRO D 181 -22.79 7.54 -6.10
CA PRO D 181 -21.98 8.45 -5.27
C PRO D 181 -22.59 9.84 -5.22
N LYS D 182 -22.11 10.65 -4.26
CA LYS D 182 -22.50 12.04 -4.15
C LYS D 182 -21.94 12.83 -5.33
N ARG D 183 -20.65 12.67 -5.64
CA ARG D 183 -20.11 13.25 -6.86
C ARG D 183 -20.38 12.32 -8.04
N LEU D 184 -20.97 12.93 -9.07
CA LEU D 184 -21.45 12.25 -10.27
C LEU D 184 -20.63 12.66 -11.49
N LYS D 185 -19.32 12.94 -11.30
CA LYS D 185 -18.44 13.28 -12.41
C LYS D 185 -18.16 12.03 -13.22
N TYR D 186 -18.32 12.10 -14.56
CA TYR D 186 -18.31 10.90 -15.38
C TYR D 186 -17.43 11.02 -16.62
N TYR D 187 -17.06 9.83 -17.13
CA TYR D 187 -16.56 9.62 -18.47
C TYR D 187 -17.73 9.39 -19.43
N ARG D 188 -17.66 9.95 -20.65
CA ARG D 188 -18.76 9.90 -21.60
C ARG D 188 -18.24 9.41 -22.94
N PHE D 189 -18.88 8.34 -23.47
CA PHE D 189 -18.55 7.76 -24.76
C PHE D 189 -19.83 7.15 -25.33
N ALA D 190 -19.82 6.83 -26.63
CA ALA D 190 -20.92 6.16 -27.32
C ALA D 190 -20.55 4.69 -27.54
N GLY D 191 -21.51 3.79 -27.41
CA GLY D 191 -21.19 2.41 -27.73
C GLY D 191 -22.43 1.54 -27.93
N SER D 192 -22.47 0.43 -27.20
CA SER D 192 -23.46 -0.62 -27.47
C SER D 192 -23.93 -1.29 -26.19
N LEU D 193 -24.98 -2.10 -26.35
CA LEU D 193 -25.26 -3.18 -25.43
C LEU D 193 -24.03 -4.09 -25.37
N THR D 194 -23.65 -4.54 -24.15
CA THR D 194 -22.58 -5.52 -23.97
C THR D 194 -23.10 -6.94 -24.09
N THR D 195 -24.38 -7.11 -24.43
CA THR D 195 -24.90 -8.43 -24.71
C THR D 195 -25.61 -8.38 -26.06
N PRO D 196 -25.78 -9.53 -26.78
CA PRO D 196 -26.47 -9.56 -28.08
C PRO D 196 -27.89 -9.00 -28.01
N PRO D 197 -28.44 -8.41 -29.10
CA PRO D 197 -27.72 -8.22 -30.38
C PRO D 197 -26.64 -7.15 -30.50
N CYS D 198 -26.13 -6.68 -29.36
CA CYS D 198 -25.01 -5.74 -29.29
C CYS D 198 -25.32 -4.41 -29.98
N THR D 199 -26.61 -4.02 -29.95
CA THR D 199 -27.09 -2.83 -30.64
C THR D 199 -26.24 -1.64 -30.26
N GLU D 200 -25.85 -0.89 -31.29
CA GLU D 200 -25.10 0.34 -31.06
C GLU D 200 -26.09 1.47 -30.81
N GLY D 201 -25.54 2.66 -30.58
CA GLY D 201 -26.31 3.87 -30.36
C GLY D 201 -26.68 4.03 -28.88
N VAL D 202 -25.78 3.57 -27.99
CA VAL D 202 -26.00 3.63 -26.56
C VAL D 202 -24.99 4.60 -25.97
N SER D 203 -25.52 5.63 -25.30
CA SER D 203 -24.74 6.62 -24.58
C SER D 203 -24.19 5.97 -23.33
N TRP D 204 -22.87 6.12 -23.09
CA TRP D 204 -22.22 5.46 -21.96
C TRP D 204 -21.66 6.54 -21.04
N LEU D 205 -22.01 6.45 -19.75
CA LEU D 205 -21.55 7.38 -18.73
C LEU D 205 -20.92 6.57 -17.62
N VAL D 206 -19.58 6.60 -17.52
CA VAL D 206 -18.91 5.86 -16.46
C VAL D 206 -18.59 6.80 -15.30
N LEU D 207 -19.23 6.57 -14.16
CA LEU D 207 -19.02 7.39 -12.97
C LEU D 207 -17.59 7.21 -12.49
N LYS D 208 -16.96 8.35 -12.14
CA LYS D 208 -15.54 8.40 -11.82
C LYS D 208 -15.28 7.90 -10.39
N THR D 209 -16.23 8.15 -9.47
CA THR D 209 -16.07 7.71 -8.09
C THR D 209 -16.52 6.24 -7.97
N TYR D 210 -15.67 5.45 -7.31
CA TYR D 210 -15.87 4.01 -7.12
C TYR D 210 -16.60 3.72 -5.81
N ASP D 211 -17.58 2.80 -5.88
CA ASP D 211 -18.20 2.14 -4.73
C ASP D 211 -17.28 0.97 -4.34
N HIS D 212 -17.74 0.07 -3.45
CA HIS D 212 -16.92 -1.00 -2.90
C HIS D 212 -17.76 -2.27 -2.71
N ILE D 213 -17.18 -3.49 -2.87
CA ILE D 213 -17.82 -4.74 -2.43
C ILE D 213 -16.80 -5.74 -1.84
N ASP D 214 -17.31 -6.72 -1.08
CA ASP D 214 -16.47 -7.81 -0.55
C ASP D 214 -16.37 -8.93 -1.58
N GLN D 215 -15.55 -9.94 -1.26
CA GLN D 215 -15.32 -11.11 -2.11
C GLN D 215 -16.56 -12.02 -2.08
N ALA D 216 -17.15 -12.22 -0.89
CA ALA D 216 -18.32 -13.06 -0.72
C ALA D 216 -19.50 -12.55 -1.55
N GLN D 217 -19.77 -11.23 -1.49
CA GLN D 217 -20.77 -10.60 -2.33
C GLN D 217 -20.52 -10.95 -3.81
N ALA D 218 -19.28 -10.78 -4.32
CA ALA D 218 -19.01 -11.09 -5.73
C ALA D 218 -19.27 -12.57 -6.07
N GLU D 219 -18.84 -13.49 -5.20
CA GLU D 219 -19.05 -14.92 -5.37
C GLU D 219 -20.52 -15.32 -5.36
N LYS D 220 -21.32 -14.66 -4.51
CA LYS D 220 -22.71 -15.06 -4.39
C LYS D 220 -23.41 -14.77 -5.72
N PHE D 221 -22.98 -13.69 -6.39
CA PHE D 221 -23.66 -13.26 -7.61
C PHE D 221 -23.34 -14.25 -8.73
N THR D 222 -22.05 -14.63 -8.83
CA THR D 222 -21.59 -15.68 -9.73
C THR D 222 -22.28 -17.03 -9.46
N ARG D 223 -22.31 -17.50 -8.20
CA ARG D 223 -23.13 -18.66 -7.84
C ARG D 223 -24.50 -18.60 -8.52
N ALA D 224 -25.21 -17.46 -8.36
CA ALA D 224 -26.60 -17.38 -8.78
C ALA D 224 -26.72 -17.40 -10.31
N VAL D 225 -25.84 -16.68 -11.01
CA VAL D 225 -25.93 -16.52 -12.47
C VAL D 225 -25.31 -17.71 -13.19
N GLY D 226 -24.20 -18.25 -12.65
CA GLY D 226 -23.69 -19.54 -13.09
C GLY D 226 -22.37 -19.42 -13.84
N SER D 227 -21.89 -18.18 -14.03
CA SER D 227 -20.63 -17.87 -14.72
C SER D 227 -20.25 -16.39 -14.57
N GLU D 228 -18.98 -16.14 -14.87
CA GLU D 228 -18.45 -14.82 -15.16
C GLU D 228 -19.30 -14.20 -16.27
N ASN D 229 -19.75 -12.95 -16.11
CA ASN D 229 -20.70 -12.38 -17.07
C ASN D 229 -20.12 -11.08 -17.64
N ASN D 230 -18.80 -11.07 -17.85
CA ASN D 230 -18.16 -9.90 -18.43
C ASN D 230 -17.78 -10.19 -19.89
N ARG D 231 -18.26 -9.31 -20.76
CA ARG D 231 -17.84 -9.28 -22.16
C ARG D 231 -16.41 -8.74 -22.21
N PRO D 232 -15.50 -9.33 -23.01
CA PRO D 232 -14.18 -8.72 -23.22
C PRO D 232 -14.32 -7.30 -23.78
N VAL D 233 -13.37 -6.44 -23.41
CA VAL D 233 -13.35 -5.05 -23.84
C VAL D 233 -13.25 -5.01 -25.38
N GLN D 234 -13.55 -3.85 -25.97
CA GLN D 234 -13.76 -3.70 -27.40
C GLN D 234 -13.02 -2.45 -27.87
N PRO D 235 -12.38 -2.45 -29.07
CA PRO D 235 -11.63 -1.29 -29.56
C PRO D 235 -12.46 0.00 -29.69
N LEU D 236 -11.89 1.15 -29.31
CA LEU D 236 -12.56 2.44 -29.41
C LEU D 236 -12.73 2.82 -30.89
N ASN D 237 -11.76 2.44 -31.72
CA ASN D 237 -11.71 2.87 -33.10
C ASN D 237 -11.70 4.42 -33.11
N ALA D 238 -12.69 5.07 -33.75
CA ALA D 238 -12.68 6.52 -33.99
C ALA D 238 -13.19 7.31 -32.79
N ARG D 239 -13.61 6.58 -31.73
CA ARG D 239 -14.37 7.14 -30.63
C ARG D 239 -13.44 7.83 -29.62
N VAL D 240 -13.86 9.01 -29.15
CA VAL D 240 -13.22 9.74 -28.07
C VAL D 240 -14.05 9.55 -26.79
N VAL D 241 -13.36 9.33 -25.65
CA VAL D 241 -13.94 9.36 -24.32
C VAL D 241 -13.63 10.71 -23.69
N ILE D 242 -14.70 11.40 -23.29
CA ILE D 242 -14.64 12.69 -22.62
C ILE D 242 -14.72 12.47 -21.11
N GLU D 243 -13.89 13.23 -20.37
CA GLU D 243 -13.86 13.24 -18.91
C GLU D 243 -13.99 14.67 -18.38
C1 AZM E . -3.02 -26.99 0.54
C2 AZM E . -2.31 -28.62 2.31
C3 AZM E . -0.77 -30.60 2.68
C4 AZM E . -0.16 -31.59 3.70
N1 AZM E . -4.98 -25.82 -1.09
N2 AZM E . -2.99 -27.55 2.73
N3 AZM E . -3.37 -26.66 1.77
N4 AZM E . -1.73 -29.62 3.17
O1 AZM E . -2.63 -26.71 -2.12
O2 AZM E . -2.55 -24.81 -0.94
O3 AZM E . -0.46 -30.68 1.51
S1 AZM E . -3.32 -26.08 -0.95
S2 AZM E . -2.15 -28.50 0.57
ZN ZN F . -5.52 -26.41 -2.77
S SO4 G . -11.52 -35.12 -22.57
O1 SO4 G . -12.57 -35.95 -22.04
O2 SO4 G . -10.26 -35.79 -22.45
O3 SO4 G . -11.49 -33.90 -21.80
O4 SO4 G . -11.74 -34.83 -23.95
C1 AZM H . 15.77 -2.14 8.27
C2 AZM H . 14.04 -1.05 9.71
C3 AZM H . 12.45 0.96 10.06
C4 AZM H . 11.43 1.63 10.99
N1 AZM H . 18.19 -3.62 7.58
N2 AZM H . 14.72 -2.07 10.24
N3 AZM H . 15.64 -2.69 9.46
N4 AZM H . 13.04 -0.32 10.47
O1 AZM H . 16.94 -1.73 5.86
O2 AZM H . 15.93 -3.55 6.33
O3 AZM H . 12.76 1.48 9.02
S1 AZM H . 16.89 -2.67 6.98
S2 AZM H . 14.67 -0.84 8.09
ZN ZN I . 19.46 -2.20 6.80
S SO4 J . 33.59 10.22 -5.19
O1 SO4 J . 33.35 9.26 -6.25
O2 SO4 J . 33.61 9.56 -3.91
O3 SO4 J . 32.52 11.21 -5.21
O4 SO4 J . 34.85 10.88 -5.41
S SO4 K . 25.66 -5.65 20.31
O1 SO4 K . 25.22 -6.98 20.01
O2 SO4 K . 25.85 -5.56 21.73
O3 SO4 K . 26.90 -5.39 19.63
O4 SO4 K . 24.65 -4.70 19.89
C1 AZM L . 8.17 23.53 17.76
C2 AZM L . 9.25 21.58 16.65
C3 AZM L . 11.42 20.34 16.46
C4 AZM L . 12.12 19.07 15.95
N1 AZM L . 6.43 25.62 17.68
N2 AZM L . 7.96 21.65 16.57
N3 AZM L . 7.38 22.74 17.16
N4 AZM L . 10.02 20.47 16.16
O1 AZM L . 8.80 25.86 18.99
O2 AZM L . 7.29 24.57 20.00
O3 AZM L . 11.99 21.23 17.04
S1 AZM L . 7.66 24.96 18.64
S2 AZM L . 9.76 22.97 17.56
ZN ZN M . 7.25 27.58 17.19
S SO4 N . 15.73 47.68 13.00
O1 SO4 N . 14.58 47.29 12.24
O2 SO4 N . 15.39 47.70 14.41
O3 SO4 N . 16.81 46.73 12.77
O4 SO4 N . 16.16 49.01 12.59
S SO4 O . -3.10 24.67 6.55
O1 SO4 O . -4.17 23.67 6.53
O2 SO4 O . -2.24 24.46 7.68
O3 SO4 O . -2.34 24.54 5.34
O4 SO4 O . -3.65 26.01 6.66
S SO4 P . 5.95 23.77 12.18
O1 SO4 P . 4.88 24.74 12.12
O2 SO4 P . 5.53 22.61 12.91
O3 SO4 P . 7.08 24.37 12.85
O4 SO4 P . 6.32 23.34 10.85
S SO4 Q . 11.01 29.41 -4.10
O1 SO4 Q . 10.09 29.30 -5.22
O2 SO4 Q . 10.85 28.27 -3.20
O3 SO4 Q . 12.35 29.42 -4.59
O4 SO4 Q . 10.76 30.64 -3.42
C1 AZM R . -27.38 -4.34 -21.57
C2 AZM R . -29.68 -4.95 -22.41
C3 AZM R . -32.03 -4.07 -22.36
C4 AZM R . -33.51 -4.22 -22.80
N1 AZM R . -25.18 -5.22 -20.36
N2 AZM R . -28.68 -5.66 -22.94
N3 AZM R . -27.45 -5.34 -22.45
N4 AZM R . -31.06 -5.09 -22.80
O1 AZM R . -26.21 -2.76 -19.66
O2 AZM R . -25.08 -2.90 -21.65
O3 AZM R . -31.69 -3.15 -21.67
S1 AZM R . -25.89 -3.70 -20.76
S2 AZM R . -28.98 -3.83 -21.29
ZN ZN S . -24.83 -4.79 -18.32
S SO4 T . -21.92 0.87 3.19
O1 SO4 T . -22.97 1.82 3.05
O2 SO4 T . -22.49 -0.33 3.74
O3 SO4 T . -20.89 1.39 4.04
O4 SO4 T . -21.32 0.56 1.91
#